data_2FYI
#
_entry.id   2FYI
#
_cell.length_a   169.686
_cell.length_b   242.373
_cell.length_c   101.626
_cell.angle_alpha   90.00
_cell.angle_beta   90.00
_cell.angle_gamma   90.00
#
_symmetry.space_group_name_H-M   'C 2 2 21'
#
loop_
_entity.id
_entity.type
_entity.pdbx_description
1 polymer 'HTH-type transcriptional regulator cbl'
2 water water
#
_entity_poly.entity_id   1
_entity_poly.type   'polypeptide(L)'
_entity_poly.pdbx_seq_one_letter_code
;LVPRGSHMTNDTSGVLTIATTHTQARYSLPEVIKAFRELFPEVRLELIQGTPQEIATLLQNGEADIGIASERLSNDPQLV
AFPWFRWHHSLLVPHDHPLTQISPLTLESIAKWPLITYRQGITGRSRIDDAFARKGLLADIVLSAQDSDVIKTYVALGLG
IGLVAEQSSGEQEEENLIRLDTRHLFDANTVWLGLKRGQLQRNYVWRFLELCNAGLSVEDIKRQVMES
;
_entity_poly.pdbx_strand_id   A,B,C,D
#
# COMPACT_ATOMS: atom_id res chain seq x y z
N SER A 6 14.19 28.16 -26.16
CA SER A 6 12.92 27.49 -25.75
C SER A 6 11.81 27.64 -26.79
N HIS A 7 12.19 28.03 -28.00
CA HIS A 7 11.35 27.88 -29.18
C HIS A 7 11.94 26.69 -29.98
N MET A 8 13.13 26.27 -29.53
CA MET A 8 13.78 24.99 -29.87
C MET A 8 12.87 23.80 -29.50
N THR A 9 12.01 24.04 -28.52
CA THR A 9 11.27 22.96 -27.89
C THR A 9 9.76 23.21 -27.94
N ASN A 10 9.35 24.15 -28.76
CA ASN A 10 7.94 24.43 -29.01
C ASN A 10 7.08 23.24 -29.42
N ASP A 11 7.68 22.32 -30.17
CA ASP A 11 6.95 21.23 -30.77
C ASP A 11 7.41 19.89 -30.23
N THR A 12 8.23 19.91 -29.19
CA THR A 12 8.59 18.69 -28.51
C THR A 12 7.31 18.07 -27.99
N SER A 13 7.18 16.77 -28.17
CA SER A 13 5.94 16.10 -27.83
C SER A 13 6.19 14.72 -27.22
N GLY A 14 5.27 14.29 -26.35
CA GLY A 14 5.29 12.95 -25.77
C GLY A 14 4.61 12.97 -24.42
N VAL A 15 4.71 11.87 -23.69
CA VAL A 15 4.10 11.81 -22.40
C VAL A 15 5.18 11.70 -21.35
N LEU A 16 5.17 12.60 -20.38
CA LEU A 16 6.09 12.49 -19.25
C LEU A 16 5.31 11.97 -18.06
N THR A 17 5.69 10.81 -17.54
CA THR A 17 5.02 10.32 -16.36
C THR A 17 5.91 10.49 -15.11
N ILE A 18 5.40 11.22 -14.11
CA ILE A 18 6.11 11.41 -12.86
C ILE A 18 5.36 10.73 -11.73
N ALA A 19 6.08 9.96 -10.92
CA ALA A 19 5.49 9.30 -9.79
C ALA A 19 6.01 9.97 -8.54
N THR A 20 5.11 10.28 -7.62
CA THR A 20 5.50 11.03 -6.46
C THR A 20 4.61 10.85 -5.24
N THR A 21 5.01 11.45 -4.13
CA THR A 21 4.26 11.42 -2.86
C THR A 21 3.38 12.65 -2.68
N HIS A 22 2.47 12.56 -1.71
CA HIS A 22 1.57 13.64 -1.38
C HIS A 22 2.36 14.91 -1.11
N THR A 23 3.43 14.75 -0.34
CA THR A 23 4.22 15.90 0.06
C THR A 23 4.69 16.73 -1.13
N GLN A 24 5.36 16.12 -2.11
CA GLN A 24 5.90 16.95 -3.18
C GLN A 24 4.78 17.34 -4.14
N ALA A 25 3.83 16.45 -4.38
CA ALA A 25 2.76 16.79 -5.26
C ALA A 25 2.08 18.11 -4.82
N ARG A 26 1.96 18.31 -3.52
CA ARG A 26 1.29 19.49 -3.04
C ARG A 26 2.18 20.69 -2.84
N TYR A 27 3.38 20.48 -2.35
CA TYR A 27 4.13 21.58 -1.80
C TYR A 27 5.38 22.01 -2.55
N SER A 28 5.81 21.23 -3.52
CA SER A 28 7.02 21.61 -4.29
C SER A 28 6.85 21.52 -5.80
N LEU A 29 6.16 20.49 -6.30
CA LEU A 29 6.05 20.30 -7.73
C LEU A 29 5.26 21.34 -8.49
N PRO A 30 4.22 21.92 -7.87
CA PRO A 30 3.38 22.75 -8.71
C PRO A 30 4.19 23.82 -9.45
N GLU A 31 5.10 24.46 -8.73
CA GLU A 31 5.92 25.52 -9.29
C GLU A 31 6.74 25.06 -10.50
N VAL A 32 7.50 24.02 -10.28
CA VAL A 32 8.24 23.35 -11.33
C VAL A 32 7.31 22.96 -12.47
N ILE A 33 6.17 22.35 -12.17
CA ILE A 33 5.26 21.98 -13.24
C ILE A 33 4.77 23.14 -14.09
N LYS A 34 4.47 24.27 -13.47
CA LYS A 34 4.20 25.49 -14.24
C LYS A 34 5.33 25.80 -15.21
N ALA A 35 6.55 25.84 -14.68
CA ALA A 35 7.73 26.13 -15.52
C ALA A 35 7.83 25.19 -16.70
N PHE A 36 7.72 23.91 -16.39
CA PHE A 36 7.84 22.89 -17.41
C PHE A 36 6.78 23.04 -18.50
N ARG A 37 5.53 23.37 -18.13
CA ARG A 37 4.48 23.47 -19.11
C ARG A 37 4.68 24.65 -20.07
N GLU A 38 5.28 25.74 -19.59
CA GLU A 38 5.68 26.84 -20.48
C GLU A 38 6.73 26.38 -21.45
N LEU A 39 7.81 25.87 -20.89
CA LEU A 39 8.93 25.38 -21.65
C LEU A 39 8.51 24.33 -22.66
N PHE A 40 7.70 23.38 -22.24
CA PHE A 40 7.31 22.28 -23.14
C PHE A 40 5.81 22.20 -23.33
N PRO A 41 5.25 23.18 -24.05
CA PRO A 41 3.82 23.24 -24.17
C PRO A 41 3.20 22.03 -24.84
N GLU A 42 3.91 21.36 -25.73
CA GLU A 42 3.32 20.20 -26.40
C GLU A 42 3.59 18.85 -25.75
N VAL A 43 4.20 18.81 -24.58
CA VAL A 43 4.38 17.53 -23.96
C VAL A 43 3.34 17.31 -22.89
N ARG A 44 2.66 16.19 -23.00
CA ARG A 44 1.65 15.79 -22.01
C ARG A 44 2.29 15.29 -20.71
N LEU A 45 1.87 15.92 -19.62
CA LEU A 45 2.41 15.62 -18.31
C LEU A 45 1.41 14.76 -17.53
N GLU A 46 1.80 13.58 -17.05
CA GLU A 46 0.93 12.77 -16.17
C GLU A 46 1.58 12.52 -14.81
N LEU A 47 0.78 12.53 -13.74
CA LEU A 47 1.32 12.22 -12.42
C LEU A 47 0.62 11.06 -11.77
N ILE A 48 1.37 10.20 -11.08
CA ILE A 48 0.82 9.13 -10.25
C ILE A 48 1.25 9.43 -8.83
N GLN A 49 0.31 9.38 -7.90
CA GLN A 49 0.66 9.53 -6.50
C GLN A 49 0.78 8.18 -5.85
N GLY A 50 1.82 7.96 -5.05
CA GLY A 50 1.97 6.68 -4.42
C GLY A 50 2.93 6.73 -3.27
N THR A 51 3.13 5.59 -2.63
CA THR A 51 4.09 5.43 -1.53
C THR A 51 5.50 5.27 -2.10
N PRO A 52 6.53 5.56 -1.31
CA PRO A 52 7.89 5.52 -1.86
C PRO A 52 8.22 4.16 -2.49
N GLN A 53 7.74 3.09 -1.91
CA GLN A 53 8.02 1.75 -2.42
C GLN A 53 7.32 1.48 -3.77
N GLU A 54 6.09 1.98 -3.91
CA GLU A 54 5.40 1.98 -5.20
C GLU A 54 6.17 2.75 -6.25
N ILE A 55 6.68 3.89 -5.84
CA ILE A 55 7.38 4.76 -6.72
C ILE A 55 8.60 4.05 -7.25
N ALA A 56 9.32 3.36 -6.37
CA ALA A 56 10.48 2.61 -6.82
C ALA A 56 10.08 1.51 -7.80
N THR A 57 9.00 0.80 -7.52
CA THR A 57 8.56 -0.24 -8.42
C THR A 57 8.19 0.33 -9.78
N LEU A 58 7.47 1.45 -9.80
CA LEU A 58 7.05 2.01 -11.08
C LEU A 58 8.27 2.39 -11.89
N LEU A 59 9.31 2.87 -11.24
CA LEU A 59 10.51 3.20 -11.95
C LEU A 59 11.16 1.94 -12.49
N GLN A 60 11.27 0.91 -11.67
CA GLN A 60 11.87 -0.34 -12.12
C GLN A 60 11.17 -0.88 -13.36
N ASN A 61 9.85 -0.76 -13.42
CA ASN A 61 9.04 -1.26 -14.52
C ASN A 61 8.93 -0.35 -15.72
N GLY A 62 9.43 0.86 -15.63
CA GLY A 62 9.23 1.81 -16.71
C GLY A 62 7.83 2.40 -16.78
N GLU A 63 6.98 2.08 -15.82
CA GLU A 63 5.66 2.71 -15.72
C GLU A 63 5.71 4.20 -15.39
N ALA A 64 6.85 4.66 -14.89
CA ALA A 64 7.07 6.08 -14.66
C ALA A 64 8.44 6.44 -15.17
N ASP A 65 8.60 7.68 -15.63
CA ASP A 65 9.87 8.18 -16.09
C ASP A 65 10.74 8.69 -14.93
N ILE A 66 10.17 9.52 -14.05
CA ILE A 66 10.88 10.10 -12.91
C ILE A 66 10.16 9.79 -11.59
N GLY A 67 10.91 9.42 -10.55
CA GLY A 67 10.34 9.17 -9.24
C GLY A 67 10.80 10.25 -8.29
N ILE A 68 9.88 10.76 -7.46
CA ILE A 68 10.25 11.81 -6.51
C ILE A 68 9.71 11.51 -5.12
N ALA A 69 10.64 11.33 -4.18
CA ALA A 69 10.28 10.98 -2.80
C ALA A 69 11.44 11.25 -1.87
N SER A 70 11.17 11.22 -0.56
CA SER A 70 12.25 11.40 0.43
C SER A 70 12.86 10.08 0.87
N GLU A 71 12.18 8.97 0.59
CA GLU A 71 12.64 7.69 1.10
C GLU A 71 12.93 6.71 -0.03
N ARG A 72 13.79 5.74 0.26
CA ARG A 72 13.95 4.57 -0.60
C ARG A 72 14.36 4.78 -2.04
N LEU A 73 14.99 5.87 -2.46
CA LEU A 73 15.30 5.97 -3.88
C LEU A 73 16.77 5.98 -3.99
N SER A 74 17.42 6.51 -2.97
CA SER A 74 18.86 6.63 -3.06
C SER A 74 19.55 5.35 -2.60
N ASN A 75 18.76 4.37 -2.20
CA ASN A 75 19.35 3.12 -1.73
C ASN A 75 18.89 1.91 -2.50
N ASP A 76 18.41 2.10 -3.71
CA ASP A 76 17.98 0.98 -4.50
C ASP A 76 19.00 0.75 -5.61
N PRO A 77 19.55 -0.47 -5.66
CA PRO A 77 20.56 -0.84 -6.64
C PRO A 77 20.10 -0.59 -8.06
N GLN A 78 18.79 -0.60 -8.31
CA GLN A 78 18.34 -0.46 -9.69
C GLN A 78 17.95 0.96 -10.06
N LEU A 79 18.08 1.89 -9.13
CA LEU A 79 17.81 3.26 -9.47
C LEU A 79 19.03 4.12 -9.27
N VAL A 80 18.95 5.35 -9.77
CA VAL A 80 19.99 6.35 -9.58
C VAL A 80 19.26 7.61 -9.10
N ALA A 81 19.70 8.20 -7.98
CA ALA A 81 18.94 9.30 -7.42
C ALA A 81 19.80 10.54 -7.25
N PHE A 82 19.19 11.70 -7.51
CA PHE A 82 19.87 12.97 -7.32
C PHE A 82 19.09 13.77 -6.30
N PRO A 83 19.81 14.51 -5.46
CA PRO A 83 19.24 15.38 -4.42
C PRO A 83 18.54 16.60 -5.01
N TRP A 84 17.30 16.82 -4.64
CA TRP A 84 16.62 17.99 -5.10
C TRP A 84 16.76 19.16 -4.11
N PHE A 85 16.33 18.98 -2.87
CA PHE A 85 16.59 19.96 -1.83
C PHE A 85 16.48 19.29 -0.45
N ARG A 86 16.90 20.00 0.59
CA ARG A 86 16.75 19.51 1.97
C ARG A 86 15.64 20.17 2.77
N TRP A 87 15.11 19.45 3.75
CA TRP A 87 14.00 19.95 4.54
C TRP A 87 13.92 19.34 5.91
N HIS A 88 13.23 20.04 6.80
CA HIS A 88 13.11 19.64 8.20
C HIS A 88 11.68 19.55 8.64
N HIS A 89 11.44 18.78 9.69
CA HIS A 89 10.12 18.78 10.30
C HIS A 89 9.92 20.00 11.17
N SER A 90 8.70 20.47 11.24
CA SER A 90 8.42 21.42 12.27
C SER A 90 7.19 21.03 13.11
N LEU A 91 6.94 21.78 14.17
CA LEU A 91 5.95 21.34 15.15
C LEU A 91 4.71 22.18 14.95
N LEU A 92 3.58 21.52 14.72
CA LEU A 92 2.31 22.23 14.48
C LEU A 92 1.37 22.18 15.70
N VAL A 93 1.05 23.31 16.28
CA VAL A 93 0.24 23.30 17.51
C VAL A 93 -0.87 24.34 17.48
N PRO A 94 -1.93 24.14 18.25
CA PRO A 94 -2.97 25.17 18.33
C PRO A 94 -2.46 26.49 18.92
N HIS A 95 -3.13 27.59 18.56
N HIS A 95 -3.15 27.58 18.60
CA HIS A 95 -2.69 28.94 18.95
CA HIS A 95 -2.66 28.92 18.94
C HIS A 95 -2.35 29.10 20.42
C HIS A 95 -2.40 29.16 20.43
N ASP A 96 -3.12 28.46 21.30
CA ASP A 96 -2.95 28.72 22.71
C ASP A 96 -2.40 27.52 23.50
N HIS A 97 -1.55 26.71 22.84
CA HIS A 97 -1.04 25.47 23.41
C HIS A 97 0.14 25.72 24.35
N PRO A 98 0.17 25.01 25.48
CA PRO A 98 1.32 25.01 26.42
C PRO A 98 2.70 25.10 25.70
N LEU A 99 2.88 24.37 24.60
CA LEU A 99 4.16 24.35 23.93
C LEU A 99 4.58 25.72 23.38
N THR A 100 3.61 26.59 23.18
CA THR A 100 3.87 27.93 22.68
C THR A 100 4.37 28.78 23.81
N GLN A 101 4.16 28.27 25.02
CA GLN A 101 4.62 28.89 26.27
C GLN A 101 5.85 28.17 26.88
N ILE A 102 6.19 27.00 26.38
CA ILE A 102 7.39 26.32 26.85
C ILE A 102 8.63 26.79 26.10
N SER A 103 9.63 27.23 26.83
CA SER A 103 10.78 27.73 26.12
C SER A 103 12.22 27.49 26.53
N PRO A 104 12.83 26.56 25.82
CA PRO A 104 13.51 26.17 24.65
C PRO A 104 12.63 24.93 24.51
N LEU A 105 12.38 24.51 23.31
CA LEU A 105 11.52 23.38 23.11
C LEU A 105 12.50 22.22 23.10
N THR A 106 12.31 21.18 23.90
CA THR A 106 13.27 20.07 23.90
C THR A 106 12.55 18.80 23.48
N LEU A 107 13.31 17.74 23.18
CA LEU A 107 12.71 16.47 22.75
C LEU A 107 11.85 15.91 23.86
N GLU A 108 12.45 15.90 25.04
N GLU A 108 12.40 15.84 25.06
CA GLU A 108 11.83 15.49 26.28
CA GLU A 108 11.63 15.39 26.23
C GLU A 108 10.48 16.17 26.57
C GLU A 108 10.33 16.15 26.40
N SER A 109 10.38 17.47 26.25
CA SER A 109 9.13 18.19 26.37
C SER A 109 8.15 17.69 25.35
N ILE A 110 8.57 17.62 24.11
CA ILE A 110 7.62 17.27 23.10
C ILE A 110 7.14 15.86 23.41
N ALA A 111 8.00 15.05 24.01
CA ALA A 111 7.65 13.63 24.13
C ALA A 111 6.46 13.34 25.05
N LYS A 112 6.13 14.34 25.88
CA LYS A 112 5.01 14.27 26.83
C LYS A 112 3.68 14.30 26.17
N TRP A 113 3.57 14.79 24.93
CA TRP A 113 2.23 15.02 24.36
C TRP A 113 1.86 13.99 23.32
N PRO A 114 0.55 13.81 23.08
CA PRO A 114 0.09 12.95 21.97
C PRO A 114 0.62 13.41 20.61
N LEU A 115 1.33 12.59 19.85
CA LEU A 115 1.81 13.04 18.54
C LEU A 115 0.94 12.61 17.40
N ILE A 116 0.85 13.48 16.39
CA ILE A 116 0.17 13.17 15.17
C ILE A 116 1.22 13.36 14.11
N THR A 117 1.64 12.27 13.51
CA THR A 117 2.74 12.36 12.56
C THR A 117 2.69 11.27 11.51
N TYR A 118 3.67 11.28 10.62
CA TYR A 118 3.70 10.34 9.50
C TYR A 118 3.92 8.92 9.98
N ARG A 119 3.38 7.96 9.25
CA ARG A 119 3.60 6.58 9.58
C ARG A 119 5.06 6.19 9.24
N GLN A 120 5.56 5.10 9.78
CA GLN A 120 6.95 4.71 9.54
C GLN A 120 7.15 4.46 8.10
N GLY A 121 8.30 4.86 7.58
CA GLY A 121 8.64 4.66 6.19
C GLY A 121 8.38 5.86 5.32
N ILE A 122 7.69 6.86 5.86
N ILE A 122 7.73 6.86 5.91
CA ILE A 122 7.28 7.99 5.03
CA ILE A 122 7.16 8.00 5.19
C ILE A 122 7.39 9.38 5.66
C ILE A 122 7.76 9.32 5.67
N THR A 123 7.74 10.34 4.80
CA THR A 123 8.05 11.72 5.16
C THR A 123 8.93 11.91 6.40
N GLY A 124 10.05 11.20 6.39
CA GLY A 124 11.11 11.41 7.35
C GLY A 124 10.84 10.97 8.76
N ARG A 125 9.95 10.01 8.91
CA ARG A 125 9.48 9.58 10.22
C ARG A 125 10.66 9.09 11.06
N SER A 126 11.64 8.53 10.37
CA SER A 126 12.74 7.93 11.10
C SER A 126 13.68 8.98 11.68
N ARG A 127 13.67 10.17 11.11
CA ARG A 127 14.40 11.24 11.76
C ARG A 127 13.75 11.53 13.08
N ILE A 128 12.42 11.43 13.12
CA ILE A 128 11.68 11.60 14.36
C ILE A 128 11.96 10.47 15.37
N ASP A 129 11.79 9.22 14.96
CA ASP A 129 12.04 8.14 15.87
C ASP A 129 13.47 8.19 16.41
N ASP A 130 14.44 8.41 15.53
CA ASP A 130 15.85 8.40 15.93
C ASP A 130 16.19 9.52 16.89
N ALA A 131 15.62 10.69 16.62
CA ALA A 131 15.84 11.79 17.51
C ALA A 131 15.42 11.34 18.91
N PHE A 132 14.20 10.80 19.05
CA PHE A 132 13.71 10.38 20.35
C PHE A 132 14.52 9.26 20.94
N ALA A 133 14.92 8.28 20.12
CA ALA A 133 15.68 7.15 20.66
C ALA A 133 16.96 7.61 21.29
N ARG A 134 17.57 8.64 20.74
CA ARG A 134 18.75 9.19 21.39
C ARG A 134 18.41 9.64 22.81
N LYS A 135 17.17 10.03 23.12
CA LYS A 135 16.87 10.33 24.52
C LYS A 135 16.28 9.16 25.32
N GLY A 136 16.47 7.92 24.88
CA GLY A 136 15.78 6.76 25.49
C GLY A 136 14.24 6.68 25.36
N LEU A 137 13.65 7.41 24.41
CA LEU A 137 12.22 7.57 24.35
C LEU A 137 11.51 7.02 23.12
N LEU A 138 10.28 6.54 23.32
CA LEU A 138 9.28 6.32 22.25
C LEU A 138 8.31 7.49 22.17
N ALA A 139 7.97 7.96 20.97
CA ALA A 139 6.94 8.98 20.88
C ALA A 139 5.59 8.30 21.02
N ASP A 140 4.63 9.02 21.61
CA ASP A 140 3.25 8.59 21.63
C ASP A 140 2.57 8.93 20.32
N ILE A 141 2.49 7.98 19.42
CA ILE A 141 1.78 8.21 18.17
C ILE A 141 0.29 7.98 18.40
N VAL A 142 -0.48 9.04 18.38
CA VAL A 142 -1.89 8.89 18.60
C VAL A 142 -2.61 8.85 17.24
N LEU A 143 -1.95 9.33 16.20
CA LEU A 143 -2.44 9.18 14.86
C LEU A 143 -1.29 9.06 13.91
N SER A 144 -1.29 8.01 13.10
CA SER A 144 -0.19 7.84 12.17
C SER A 144 -0.75 8.06 10.78
N ALA A 145 -0.14 9.02 10.07
CA ALA A 145 -0.73 9.62 8.90
C ALA A 145 0.03 9.24 7.62
N GLN A 146 -0.68 9.19 6.51
CA GLN A 146 -0.06 9.10 5.22
C GLN A 146 0.27 10.45 4.61
N ASP A 147 -0.22 11.55 5.18
CA ASP A 147 0.03 12.88 4.61
C ASP A 147 -0.22 14.06 5.57
N SER A 148 0.25 15.24 5.21
CA SER A 148 0.17 16.38 6.13
C SER A 148 -1.19 17.01 6.31
N ASP A 149 -2.17 16.72 5.46
CA ASP A 149 -3.47 17.37 5.60
C ASP A 149 -4.31 16.69 6.66
N VAL A 150 -4.21 15.36 6.70
CA VAL A 150 -4.79 14.63 7.81
C VAL A 150 -4.19 15.18 9.13
N ILE A 151 -2.87 15.26 9.22
CA ILE A 151 -2.28 15.84 10.40
C ILE A 151 -2.88 17.19 10.73
N LYS A 152 -3.05 18.08 9.76
CA LYS A 152 -3.65 19.39 10.10
C LYS A 152 -5.03 19.26 10.73
N THR A 153 -5.86 18.39 10.17
CA THR A 153 -7.22 18.24 10.66
C THR A 153 -7.23 17.82 12.12
N TYR A 154 -6.36 16.89 12.52
CA TYR A 154 -6.48 16.33 13.86
C TYR A 154 -5.83 17.23 14.91
N VAL A 155 -4.88 18.05 14.48
CA VAL A 155 -4.27 19.00 15.41
C VAL A 155 -5.33 20.06 15.68
N ALA A 156 -5.98 20.51 14.61
CA ALA A 156 -7.05 21.47 14.73
C ALA A 156 -8.16 20.91 15.61
N LEU A 157 -8.46 19.62 15.50
CA LEU A 157 -9.54 19.02 16.24
C LEU A 157 -9.27 18.92 17.72
N GLY A 158 -8.01 18.89 18.13
CA GLY A 158 -7.69 18.72 19.52
C GLY A 158 -7.05 17.40 19.89
N LEU A 159 -6.97 16.45 18.96
CA LEU A 159 -6.43 15.14 19.26
C LEU A 159 -5.00 15.09 19.81
N GLY A 160 -4.16 16.10 19.48
CA GLY A 160 -2.72 16.09 19.80
C GLY A 160 -1.88 17.14 19.03
N ILE A 161 -0.56 17.10 19.14
CA ILE A 161 0.25 18.02 18.35
C ILE A 161 0.87 17.32 17.13
N GLY A 162 1.38 18.08 16.17
CA GLY A 162 1.80 17.46 14.94
C GLY A 162 3.26 17.70 14.60
N LEU A 163 3.91 16.68 14.07
CA LEU A 163 5.21 16.88 13.43
C LEU A 163 4.99 16.83 11.93
N VAL A 164 5.21 17.94 11.25
CA VAL A 164 4.98 18.01 9.80
C VAL A 164 6.18 18.58 9.07
N ALA A 165 6.39 18.09 7.86
CA ALA A 165 7.32 18.70 6.91
C ALA A 165 7.16 20.22 6.90
N GLU A 166 8.25 20.99 6.99
CA GLU A 166 8.10 22.45 7.09
C GLU A 166 7.41 23.08 5.87
N GLN A 167 7.58 22.48 4.71
CA GLN A 167 7.07 23.01 3.43
C GLN A 167 5.54 22.94 3.26
N SER A 168 4.86 22.25 4.16
CA SER A 168 3.42 22.08 4.05
C SER A 168 2.67 23.25 4.64
N SER A 169 3.39 24.18 5.22
CA SER A 169 2.75 25.40 5.69
C SER A 169 2.25 26.19 4.48
N GLY A 170 3.06 26.20 3.42
CA GLY A 170 2.84 27.06 2.27
C GLY A 170 1.55 27.87 2.32
N GLU A 171 0.54 27.35 1.61
CA GLU A 171 -0.67 28.10 1.19
C GLU A 171 -1.92 27.94 2.10
N GLN A 172 -2.80 28.95 2.06
CA GLN A 172 -3.96 29.08 2.97
C GLN A 172 -3.60 28.70 4.42
N GLU A 173 -2.39 29.10 4.83
CA GLU A 173 -1.77 28.62 6.08
C GLU A 173 -2.68 28.71 7.32
N GLU A 174 -2.64 27.64 8.10
CA GLU A 174 -3.55 27.30 9.20
C GLU A 174 -4.12 28.44 10.06
N GLU A 175 -5.43 28.58 10.04
CA GLU A 175 -6.18 29.61 10.78
C GLU A 175 -5.68 29.96 12.19
N ASN A 176 -5.83 29.00 13.10
CA ASN A 176 -5.54 29.15 14.50
C ASN A 176 -4.51 28.14 14.94
N LEU A 177 -3.67 27.74 14.01
CA LEU A 177 -2.55 26.89 14.34
C LEU A 177 -1.31 27.72 14.13
N ILE A 178 -0.21 27.27 14.74
N ILE A 178 -0.21 27.30 14.76
CA ILE A 178 1.08 27.95 14.61
CA ILE A 178 1.08 27.93 14.53
C ILE A 178 2.19 26.90 14.46
C ILE A 178 2.15 26.86 14.38
N ARG A 179 3.21 27.21 13.66
CA ARG A 179 4.36 26.31 13.48
C ARG A 179 5.52 26.69 14.42
N LEU A 180 5.98 25.78 15.26
CA LEU A 180 7.13 26.09 16.11
C LEU A 180 8.37 25.43 15.50
N ASP A 181 9.48 26.18 15.51
CA ASP A 181 10.70 25.77 14.79
C ASP A 181 11.43 24.69 15.59
N THR A 182 11.62 23.52 14.99
CA THR A 182 12.34 22.44 15.67
C THR A 182 13.52 21.89 14.87
N ARG A 183 14.14 22.72 14.04
CA ARG A 183 15.29 22.26 13.27
C ARG A 183 16.44 21.82 14.18
N HIS A 184 16.55 22.44 15.34
CA HIS A 184 17.65 22.12 16.20
C HIS A 184 17.42 20.78 16.89
N LEU A 185 16.32 20.10 16.62
CA LEU A 185 15.99 18.90 17.38
C LEU A 185 15.96 17.67 16.53
N PHE A 186 15.66 17.83 15.25
CA PHE A 186 15.67 16.71 14.33
C PHE A 186 16.67 16.92 13.19
N ASP A 187 17.15 15.82 12.60
CA ASP A 187 17.98 15.96 11.41
C ASP A 187 17.19 16.27 10.14
N ALA A 188 17.90 16.83 9.16
CA ALA A 188 17.37 17.18 7.83
C ALA A 188 17.02 15.94 7.02
N ASN A 189 16.06 16.09 6.11
CA ASN A 189 15.73 15.05 5.13
C ASN A 189 16.10 15.53 3.75
N THR A 190 16.09 14.62 2.78
CA THR A 190 16.39 15.02 1.41
C THR A 190 15.33 14.50 0.48
N VAL A 191 14.99 15.29 -0.52
CA VAL A 191 14.05 14.81 -1.51
C VAL A 191 14.83 14.43 -2.74
N TRP A 192 14.62 13.20 -3.21
CA TRP A 192 15.37 12.66 -4.33
C TRP A 192 14.58 12.65 -5.60
N LEU A 193 15.31 12.82 -6.68
CA LEU A 193 14.82 12.66 -8.00
C LEU A 193 15.50 11.38 -8.49
N GLY A 194 14.72 10.37 -8.84
CA GLY A 194 15.28 9.11 -9.30
C GLY A 194 14.93 8.76 -10.74
N LEU A 195 15.83 8.04 -11.41
CA LEU A 195 15.55 7.48 -12.73
C LEU A 195 15.98 6.04 -12.70
N LYS A 196 15.43 5.23 -13.60
CA LYS A 196 15.92 3.86 -13.78
C LYS A 196 17.35 3.86 -14.30
N ARG A 197 18.20 3.07 -13.66
CA ARG A 197 19.62 3.04 -14.05
C ARG A 197 19.84 2.38 -15.41
N GLY A 198 20.78 2.89 -16.19
CA GLY A 198 21.01 2.41 -17.55
C GLY A 198 19.86 2.65 -18.52
N GLN A 199 18.85 3.42 -18.14
CA GLN A 199 17.73 3.64 -19.03
C GLN A 199 17.94 4.86 -19.96
N LEU A 200 17.71 4.69 -21.27
CA LEU A 200 17.62 5.82 -22.20
C LEU A 200 16.32 6.63 -22.01
N GLN A 201 16.35 7.94 -22.28
CA GLN A 201 15.17 8.79 -22.09
C GLN A 201 14.90 9.79 -23.23
N ARG A 202 13.69 10.34 -23.24
CA ARG A 202 13.31 11.44 -24.16
C ARG A 202 13.97 12.74 -23.70
N ASN A 203 14.16 13.69 -24.59
CA ASN A 203 14.89 14.91 -24.24
C ASN A 203 14.28 15.65 -23.05
N TYR A 204 12.94 15.70 -22.99
CA TYR A 204 12.25 16.43 -21.93
C TYR A 204 12.41 15.87 -20.50
N VAL A 205 12.71 14.57 -20.37
CA VAL A 205 12.91 13.99 -19.04
C VAL A 205 14.20 14.60 -18.53
N TRP A 206 15.22 14.61 -19.40
CA TRP A 206 16.53 15.14 -18.98
C TRP A 206 16.39 16.59 -18.56
N ARG A 207 15.59 17.34 -19.32
CA ARG A 207 15.38 18.72 -18.96
C ARG A 207 14.65 18.91 -17.63
N PHE A 208 13.63 18.11 -17.37
CA PHE A 208 12.88 18.27 -16.14
C PHE A 208 13.78 18.25 -14.93
N LEU A 209 14.74 17.33 -14.93
CA LEU A 209 15.62 17.19 -13.78
C LEU A 209 16.41 18.46 -13.62
N GLU A 210 16.89 18.99 -14.73
CA GLU A 210 17.74 20.19 -14.69
C GLU A 210 16.96 21.40 -14.14
N LEU A 211 15.87 21.67 -14.82
CA LEU A 211 14.83 22.55 -14.37
C LEU A 211 14.60 22.51 -12.86
N CYS A 212 14.66 21.32 -12.25
CA CYS A 212 14.50 21.16 -10.80
C CYS A 212 15.66 21.69 -9.97
N ASN A 213 16.88 21.61 -10.54
CA ASN A 213 18.07 21.85 -9.76
C ASN A 213 19.22 22.53 -10.53
N ALA A 214 19.49 23.79 -10.19
CA ALA A 214 20.55 24.53 -10.86
C ALA A 214 21.88 23.81 -10.70
N GLY A 215 21.98 22.98 -9.65
CA GLY A 215 23.21 22.23 -9.34
C GLY A 215 23.66 21.35 -10.48
N LEU A 216 22.83 20.34 -10.77
CA LEU A 216 23.07 19.31 -11.80
C LEU A 216 23.02 19.94 -13.19
N SER A 217 23.92 19.51 -14.06
CA SER A 217 23.75 19.76 -15.49
C SER A 217 23.24 18.51 -16.23
N VAL A 218 22.62 18.71 -17.40
CA VAL A 218 22.11 17.58 -18.19
C VAL A 218 23.18 16.50 -18.41
N GLU A 219 24.38 16.92 -18.83
CA GLU A 219 25.46 15.98 -19.16
C GLU A 219 25.85 15.15 -17.97
N ASP A 220 25.87 15.75 -16.80
CA ASP A 220 26.27 15.01 -15.62
C ASP A 220 25.20 14.00 -15.22
N ILE A 221 23.94 14.39 -15.40
CA ILE A 221 22.84 13.47 -15.14
C ILE A 221 22.94 12.24 -16.05
N LYS A 222 23.00 12.47 -17.37
CA LYS A 222 23.12 11.38 -18.33
C LYS A 222 24.31 10.49 -18.04
N ARG A 223 25.45 11.11 -17.81
CA ARG A 223 26.71 10.40 -17.64
C ARG A 223 26.62 9.41 -16.52
N GLN A 224 25.93 9.84 -15.48
CA GLN A 224 25.87 9.11 -14.23
C GLN A 224 24.77 8.06 -14.17
N VAL A 225 23.68 8.30 -14.89
CA VAL A 225 22.65 7.30 -15.12
C VAL A 225 23.19 6.16 -16.00
N MET A 226 24.17 6.47 -16.83
CA MET A 226 24.51 5.57 -17.89
C MET A 226 25.74 4.75 -17.57
N GLU A 227 26.62 5.32 -16.74
CA GLU A 227 27.99 4.81 -16.51
C GLU A 227 28.13 3.30 -16.24
N SER A 228 27.08 2.69 -15.70
CA SER A 228 27.12 1.26 -15.36
C SER A 228 26.63 0.35 -16.51
N SER B 6 -25.57 12.64 34.41
CA SER B 6 -25.69 12.18 32.99
C SER B 6 -25.57 10.66 32.80
N HIS B 7 -24.64 10.29 31.92
CA HIS B 7 -24.53 8.93 31.40
C HIS B 7 -23.73 7.95 32.29
N MET B 8 -23.85 6.67 31.94
CA MET B 8 -23.28 5.57 32.68
C MET B 8 -21.88 5.21 32.12
N THR B 9 -21.49 5.88 31.06
CA THR B 9 -20.27 5.55 30.34
C THR B 9 -19.13 6.49 30.72
N ASN B 10 -19.28 7.15 31.85
CA ASN B 10 -18.41 8.24 32.19
C ASN B 10 -17.02 7.89 32.75
N ASP B 11 -16.88 6.65 33.25
CA ASP B 11 -15.60 6.10 33.69
C ASP B 11 -15.18 4.95 32.77
N THR B 12 -15.96 4.66 31.72
CA THR B 12 -15.51 3.71 30.72
C THR B 12 -14.13 4.09 30.26
N SER B 13 -13.19 3.14 30.27
CA SER B 13 -11.86 3.41 29.73
C SER B 13 -11.44 2.35 28.71
N GLY B 14 -10.31 2.62 28.06
CA GLY B 14 -9.71 1.70 27.11
C GLY B 14 -9.15 2.44 25.92
N VAL B 15 -8.78 1.70 24.89
CA VAL B 15 -8.24 2.33 23.71
C VAL B 15 -8.98 1.86 22.49
N LEU B 16 -9.54 2.79 21.74
CA LEU B 16 -10.30 2.44 20.56
C LEU B 16 -9.44 2.77 19.37
N THR B 17 -9.04 1.76 18.61
CA THR B 17 -8.21 2.02 17.43
C THR B 17 -9.02 1.93 16.15
N ILE B 18 -9.04 3.03 15.40
CA ILE B 18 -9.77 3.04 14.17
C ILE B 18 -8.79 3.10 13.02
N ALA B 19 -9.01 2.28 12.00
CA ALA B 19 -8.22 2.42 10.78
C ALA B 19 -9.12 2.95 9.69
N THR B 20 -8.64 3.97 8.98
CA THR B 20 -9.48 4.66 8.00
C THR B 20 -8.68 5.29 6.85
N THR B 21 -9.38 5.79 5.85
CA THR B 21 -8.74 6.45 4.71
C THR B 21 -8.72 7.97 4.90
N HIS B 22 -8.05 8.64 3.97
CA HIS B 22 -7.93 10.09 3.95
C HIS B 22 -9.29 10.77 3.88
N THR B 23 -10.17 10.26 3.02
CA THR B 23 -11.50 10.80 2.91
C THR B 23 -12.23 10.89 4.24
N GLN B 24 -12.35 9.79 4.98
CA GLN B 24 -13.22 9.88 6.15
C GLN B 24 -12.51 10.57 7.29
N ALA B 25 -11.19 10.39 7.34
CA ALA B 25 -10.38 11.09 8.31
C ALA B 25 -10.64 12.57 8.25
N ARG B 26 -10.70 13.15 7.06
CA ARG B 26 -10.86 14.61 6.98
C ARG B 26 -12.28 15.09 6.90
N TYR B 27 -13.17 14.35 6.23
CA TYR B 27 -14.45 14.95 5.93
C TYR B 27 -15.66 14.42 6.69
N SER B 28 -15.52 13.35 7.49
CA SER B 28 -16.66 12.69 8.11
C SER B 28 -16.41 12.32 9.56
N LEU B 29 -15.24 11.79 9.87
CA LEU B 29 -14.94 11.38 11.24
C LEU B 29 -14.89 12.48 12.29
N PRO B 30 -14.30 13.63 11.94
CA PRO B 30 -14.16 14.63 13.00
C PRO B 30 -15.42 14.88 13.83
N GLU B 31 -16.55 15.00 13.18
CA GLU B 31 -17.79 15.24 13.89
C GLU B 31 -18.09 14.13 14.91
N VAL B 32 -18.02 12.91 14.40
CA VAL B 32 -18.26 11.72 15.21
C VAL B 32 -17.26 11.61 16.36
N ILE B 33 -15.98 11.81 16.06
CA ILE B 33 -14.95 11.80 17.10
C ILE B 33 -15.30 12.78 18.21
N LYS B 34 -15.65 14.00 17.87
CA LYS B 34 -16.10 14.96 18.87
C LYS B 34 -17.15 14.35 19.80
N ALA B 35 -18.17 13.75 19.21
CA ALA B 35 -19.27 13.19 19.97
C ALA B 35 -18.79 12.10 20.91
N PHE B 36 -17.99 11.21 20.36
CA PHE B 36 -17.42 10.13 21.10
C PHE B 36 -16.56 10.63 22.27
N ARG B 37 -15.66 11.59 22.08
CA ARG B 37 -14.86 12.07 23.19
C ARG B 37 -15.71 12.62 24.35
N GLU B 38 -16.85 13.23 24.07
CA GLU B 38 -17.71 13.75 25.14
C GLU B 38 -18.34 12.60 25.87
N LEU B 39 -18.87 11.68 25.09
CA LEU B 39 -19.46 10.47 25.63
C LEU B 39 -18.49 9.55 26.38
N PHE B 40 -17.27 9.41 25.89
CA PHE B 40 -16.31 8.53 26.50
C PHE B 40 -15.04 9.27 26.83
N PRO B 41 -15.12 10.23 27.74
CA PRO B 41 -13.97 11.07 28.03
C PRO B 41 -12.72 10.32 28.47
N GLU B 42 -12.85 9.16 29.11
CA GLU B 42 -11.71 8.44 29.62
C GLU B 42 -11.17 7.33 28.67
N VAL B 43 -11.73 7.25 27.46
CA VAL B 43 -11.27 6.28 26.47
C VAL B 43 -10.30 6.93 25.52
N ARG B 44 -9.11 6.37 25.38
CA ARG B 44 -8.14 6.86 24.43
C ARG B 44 -8.54 6.44 23.03
N LEU B 45 -8.60 7.42 22.15
CA LEU B 45 -8.84 7.14 20.75
C LEU B 45 -7.54 7.26 19.90
N GLU B 46 -7.24 6.25 19.08
CA GLU B 46 -6.12 6.27 18.12
C GLU B 46 -6.56 6.05 16.68
N LEU B 47 -6.00 6.78 15.73
CA LEU B 47 -6.30 6.52 14.32
C LEU B 47 -5.09 6.11 13.52
N ILE B 48 -5.31 5.20 12.60
CA ILE B 48 -4.28 4.85 11.63
C ILE B 48 -4.86 5.12 10.27
N GLN B 49 -4.15 5.84 9.42
CA GLN B 49 -4.66 6.13 8.09
C GLN B 49 -4.02 5.13 7.14
N GLY B 50 -4.79 4.58 6.23
CA GLY B 50 -4.20 3.64 5.31
C GLY B 50 -5.11 3.42 4.12
N THR B 51 -4.69 2.54 3.22
CA THR B 51 -5.48 2.16 2.06
C THR B 51 -6.48 1.10 2.49
N PRO B 52 -7.57 0.93 1.71
CA PRO B 52 -8.60 -0.06 2.05
C PRO B 52 -8.03 -1.44 2.32
N GLN B 53 -7.02 -1.83 1.55
CA GLN B 53 -6.43 -3.15 1.66
C GLN B 53 -5.68 -3.29 2.98
N GLU B 54 -5.00 -2.23 3.41
CA GLU B 54 -4.29 -2.21 4.69
C GLU B 54 -5.30 -2.25 5.81
N ILE B 55 -6.37 -1.49 5.64
CA ILE B 55 -7.42 -1.45 6.63
C ILE B 55 -8.02 -2.82 6.89
N ALA B 56 -8.25 -3.57 5.82
CA ALA B 56 -8.71 -4.93 5.95
C ALA B 56 -7.69 -5.83 6.66
N THR B 57 -6.39 -5.62 6.42
CA THR B 57 -5.42 -6.47 7.08
C THR B 57 -5.33 -6.11 8.53
N LEU B 58 -5.31 -4.83 8.85
CA LEU B 58 -5.24 -4.43 10.26
C LEU B 58 -6.41 -5.02 11.01
N LEU B 59 -7.60 -5.06 10.38
CA LEU B 59 -8.74 -5.69 10.99
C LEU B 59 -8.55 -7.18 11.27
N GLN B 60 -8.09 -7.91 10.26
N GLN B 60 -8.11 -7.93 10.25
CA GLN B 60 -7.96 -9.35 10.41
CA GLN B 60 -7.94 -9.37 10.44
C GLN B 60 -6.83 -9.77 11.37
C GLN B 60 -6.97 -9.64 11.57
N ASN B 61 -5.89 -8.87 11.64
CA ASN B 61 -4.87 -9.08 12.70
C ASN B 61 -5.20 -8.55 14.09
N GLY B 62 -6.32 -7.85 14.24
CA GLY B 62 -6.64 -7.25 15.52
C GLY B 62 -5.84 -6.00 15.82
N GLU B 63 -5.04 -5.52 14.86
CA GLU B 63 -4.29 -4.27 15.04
C GLU B 63 -5.17 -3.06 15.07
N ALA B 64 -6.38 -3.17 14.53
CA ALA B 64 -7.38 -2.11 14.68
C ALA B 64 -8.72 -2.72 15.08
N ASP B 65 -9.55 -1.95 15.77
CA ASP B 65 -10.82 -2.43 16.25
C ASP B 65 -11.90 -2.21 15.18
N ILE B 66 -11.91 -1.04 14.55
CA ILE B 66 -12.91 -0.70 13.53
C ILE B 66 -12.18 -0.20 12.28
N GLY B 67 -12.60 -0.68 11.10
CA GLY B 67 -12.06 -0.21 9.84
C GLY B 67 -13.13 0.56 9.09
N ILE B 68 -12.76 1.69 8.49
CA ILE B 68 -13.74 2.54 7.81
C ILE B 68 -13.23 2.92 6.44
N ALA B 69 -13.96 2.52 5.41
CA ALA B 69 -13.56 2.82 4.03
C ALA B 69 -14.74 2.56 3.12
N SER B 70 -14.60 2.98 1.85
CA SER B 70 -15.66 2.71 0.85
C SER B 70 -15.41 1.47 0.04
N GLU B 71 -14.20 0.92 0.08
CA GLU B 71 -13.90 -0.26 -0.70
C GLU B 71 -13.48 -1.47 0.16
N ARG B 72 -13.68 -2.64 -0.43
CA ARG B 72 -13.19 -3.91 0.10
C ARG B 72 -13.54 -4.29 1.50
N LEU B 73 -14.58 -3.83 2.15
CA LEU B 73 -14.77 -4.31 3.51
C LEU B 73 -16.00 -5.16 3.53
N SER B 74 -16.91 -4.89 2.61
CA SER B 74 -18.16 -5.61 2.58
C SER B 74 -18.00 -6.85 1.74
N ASN B 75 -16.83 -7.03 1.15
CA ASN B 75 -16.55 -8.27 0.41
C ASN B 75 -15.44 -9.15 0.94
N ASP B 76 -15.12 -9.01 2.21
CA ASP B 76 -14.10 -9.86 2.82
C ASP B 76 -14.74 -10.90 3.71
N PRO B 77 -14.54 -12.18 3.37
CA PRO B 77 -15.06 -13.30 4.13
C PRO B 77 -14.75 -13.17 5.63
N GLN B 78 -13.64 -12.51 5.96
CA GLN B 78 -13.20 -12.45 7.34
C GLN B 78 -13.72 -11.23 8.09
N LEU B 79 -14.39 -10.32 7.39
CA LEU B 79 -14.99 -9.19 8.06
C LEU B 79 -16.51 -9.16 7.96
N VAL B 80 -17.10 -8.24 8.70
CA VAL B 80 -18.51 -7.98 8.57
C VAL B 80 -18.64 -6.47 8.55
N ALA B 81 -19.38 -5.94 7.60
CA ALA B 81 -19.42 -4.52 7.43
C ALA B 81 -20.83 -3.94 7.46
N PHE B 82 -20.91 -2.72 7.97
CA PHE B 82 -22.18 -2.05 8.18
C PHE B 82 -22.14 -0.73 7.47
N PRO B 83 -23.26 -0.36 6.81
CA PRO B 83 -23.36 0.89 6.08
C PRO B 83 -23.29 2.06 7.04
N TRP B 84 -22.43 3.03 6.75
CA TRP B 84 -22.44 4.28 7.48
C TRP B 84 -23.27 5.39 6.79
N PHE B 85 -22.85 5.86 5.61
CA PHE B 85 -23.69 6.75 4.76
C PHE B 85 -23.36 6.56 3.26
N ARG B 86 -24.22 7.09 2.38
CA ARG B 86 -23.98 6.98 0.97
C ARG B 86 -23.52 8.31 0.41
N TRP B 87 -22.72 8.27 -0.66
CA TRP B 87 -22.19 9.50 -1.24
C TRP B 87 -21.88 9.40 -2.73
N HIS B 88 -21.79 10.55 -3.39
CA HIS B 88 -21.55 10.62 -4.81
C HIS B 88 -20.33 11.48 -5.15
N HIS B 89 -19.73 11.21 -6.31
CA HIS B 89 -18.72 12.09 -6.85
C HIS B 89 -19.34 13.38 -7.40
N SER B 90 -18.55 14.46 -7.35
CA SER B 90 -18.87 15.69 -8.03
C SER B 90 -17.74 16.11 -8.92
N LEU B 91 -18.02 17.12 -9.73
CA LEU B 91 -17.05 17.64 -10.63
C LEU B 91 -16.42 18.86 -10.00
N LEU B 92 -15.09 18.92 -9.97
CA LEU B 92 -14.38 20.10 -9.44
C LEU B 92 -13.68 20.89 -10.55
N VAL B 93 -14.05 22.16 -10.78
CA VAL B 93 -13.53 22.90 -11.94
C VAL B 93 -13.22 24.32 -11.59
N PRO B 94 -12.31 24.95 -12.33
CA PRO B 94 -12.05 26.37 -12.15
C PRO B 94 -13.31 27.20 -12.39
N HIS B 95 -13.45 28.28 -11.63
CA HIS B 95 -14.70 29.02 -11.49
C HIS B 95 -15.25 29.53 -12.85
N ASP B 96 -14.44 29.54 -13.90
CA ASP B 96 -14.91 29.99 -15.18
C ASP B 96 -14.66 29.02 -16.38
N HIS B 97 -14.59 27.74 -16.10
CA HIS B 97 -14.28 26.72 -17.07
C HIS B 97 -15.46 26.47 -18.02
N PRO B 98 -15.18 26.13 -19.30
CA PRO B 98 -16.27 25.83 -20.21
C PRO B 98 -17.36 24.98 -19.59
N LEU B 99 -17.03 24.05 -18.69
CA LEU B 99 -18.04 23.08 -18.24
C LEU B 99 -19.07 23.76 -17.37
N THR B 100 -18.71 24.92 -16.87
CA THR B 100 -19.64 25.66 -16.06
C THR B 100 -20.67 26.39 -16.90
N GLN B 101 -20.43 26.51 -18.20
N GLN B 101 -20.47 26.46 -18.21
CA GLN B 101 -21.41 27.14 -19.10
CA GLN B 101 -21.41 27.15 -19.05
C GLN B 101 -22.04 26.07 -20.00
C GLN B 101 -22.44 26.15 -19.60
N ILE B 102 -22.12 24.85 -19.49
CA ILE B 102 -22.81 23.74 -20.19
C ILE B 102 -24.06 23.34 -19.44
N SER B 103 -25.10 22.92 -20.14
CA SER B 103 -26.07 22.24 -19.36
C SER B 103 -27.23 21.53 -20.02
N PRO B 104 -27.31 20.22 -19.77
CA PRO B 104 -27.26 19.54 -18.52
C PRO B 104 -25.79 19.02 -18.65
N LEU B 105 -25.05 18.87 -17.55
CA LEU B 105 -23.79 18.15 -17.62
C LEU B 105 -23.94 16.71 -18.14
N THR B 106 -23.13 16.28 -19.10
CA THR B 106 -23.21 14.88 -19.48
C THR B 106 -21.87 14.16 -19.33
N LEU B 107 -21.88 12.85 -19.42
CA LEU B 107 -20.64 12.10 -19.41
C LEU B 107 -19.84 12.40 -20.68
N GLU B 108 -20.52 12.50 -21.82
CA GLU B 108 -19.88 12.91 -23.05
C GLU B 108 -19.11 14.22 -22.89
N SER B 109 -19.82 15.25 -22.42
CA SER B 109 -19.25 16.48 -21.95
C SER B 109 -17.97 16.27 -21.17
N ILE B 110 -18.06 15.49 -20.10
CA ILE B 110 -16.96 15.42 -19.18
C ILE B 110 -15.79 14.69 -19.78
N ALA B 111 -16.08 13.64 -20.55
CA ALA B 111 -15.03 12.83 -21.13
C ALA B 111 -14.13 13.59 -22.13
N LYS B 112 -14.43 14.86 -22.33
CA LYS B 112 -13.64 15.58 -23.26
C LYS B 112 -12.44 16.23 -22.61
N TRP B 113 -12.39 16.28 -21.30
CA TRP B 113 -11.35 17.04 -20.66
C TRP B 113 -10.34 16.16 -19.98
N PRO B 114 -9.10 16.63 -19.81
CA PRO B 114 -8.17 15.85 -19.02
C PRO B 114 -8.72 15.71 -17.62
N LEU B 115 -8.67 14.50 -17.08
CA LEU B 115 -9.36 14.23 -15.84
C LEU B 115 -8.39 13.94 -14.69
N ILE B 116 -8.66 14.48 -13.52
CA ILE B 116 -7.82 14.29 -12.33
C ILE B 116 -8.66 13.64 -11.23
N THR B 117 -8.28 12.43 -10.81
CA THR B 117 -9.13 11.69 -9.89
C THR B 117 -8.37 10.59 -9.17
N TYR B 118 -9.09 9.70 -8.47
CA TYR B 118 -8.48 8.67 -7.63
C TYR B 118 -7.95 7.45 -8.41
N ARG B 119 -6.83 6.89 -7.95
CA ARG B 119 -6.35 5.59 -8.41
C ARG B 119 -7.42 4.54 -8.39
N GLN B 120 -7.16 3.44 -9.08
CA GLN B 120 -8.02 2.29 -8.96
C GLN B 120 -8.19 1.68 -7.55
N GLY B 121 -9.44 1.42 -7.18
CA GLY B 121 -9.71 0.74 -5.97
C GLY B 121 -9.70 1.65 -4.79
N ILE B 122 -9.70 2.97 -5.02
N ILE B 122 -9.79 2.95 -5.07
CA ILE B 122 -9.86 3.90 -3.91
CA ILE B 122 -9.85 3.99 -4.08
C ILE B 122 -10.87 5.04 -4.15
C ILE B 122 -11.10 4.85 -4.23
N THR B 123 -11.65 5.34 -3.12
CA THR B 123 -12.70 6.35 -3.13
C THR B 123 -13.63 6.31 -4.32
N GLY B 124 -14.17 5.14 -4.64
CA GLY B 124 -15.21 5.07 -5.62
C GLY B 124 -14.72 5.11 -7.05
N ARG B 125 -13.42 4.98 -7.27
CA ARG B 125 -12.93 5.05 -8.62
C ARG B 125 -13.68 4.09 -9.57
N SER B 126 -14.03 2.89 -9.10
CA SER B 126 -14.74 1.95 -9.97
C SER B 126 -16.09 2.51 -10.41
N ARG B 127 -16.72 3.35 -9.59
CA ARG B 127 -17.98 3.94 -10.00
C ARG B 127 -17.78 4.90 -11.17
N ILE B 128 -16.67 5.61 -11.19
CA ILE B 128 -16.38 6.54 -12.27
C ILE B 128 -16.17 5.75 -13.57
N ASP B 129 -15.31 4.75 -13.49
CA ASP B 129 -15.09 3.88 -14.56
C ASP B 129 -16.33 3.21 -15.12
N ASP B 130 -17.21 2.73 -14.26
CA ASP B 130 -18.40 2.03 -14.75
C ASP B 130 -19.34 2.99 -15.43
N ALA B 131 -19.38 4.22 -14.93
CA ALA B 131 -20.20 5.26 -15.51
C ALA B 131 -19.80 5.47 -16.98
N PHE B 132 -18.56 5.88 -17.24
CA PHE B 132 -18.04 5.90 -18.60
C PHE B 132 -18.22 4.61 -19.40
N ALA B 133 -17.99 3.45 -18.77
CA ALA B 133 -18.13 2.22 -19.53
C ALA B 133 -19.55 2.04 -20.11
N ARG B 134 -20.56 2.59 -19.45
CA ARG B 134 -21.92 2.50 -19.96
C ARG B 134 -21.99 3.23 -21.26
N LYS B 135 -21.21 4.30 -21.41
CA LYS B 135 -21.15 5.00 -22.69
C LYS B 135 -20.03 4.57 -23.63
N GLY B 136 -19.39 3.41 -23.41
CA GLY B 136 -18.29 2.94 -24.24
C GLY B 136 -16.95 3.65 -24.09
N LEU B 137 -16.81 4.48 -23.06
CA LEU B 137 -15.71 5.41 -22.98
C LEU B 137 -14.67 5.04 -21.94
N LEU B 138 -13.41 5.41 -22.21
CA LEU B 138 -12.41 5.51 -21.18
C LEU B 138 -12.26 6.98 -20.86
N ALA B 139 -12.14 7.29 -19.55
CA ALA B 139 -11.73 8.61 -19.09
C ALA B 139 -10.23 8.88 -19.45
N ASP B 140 -9.92 10.16 -19.66
CA ASP B 140 -8.57 10.67 -19.95
C ASP B 140 -7.90 11.01 -18.62
N ILE B 141 -7.21 10.07 -18.01
CA ILE B 141 -6.72 10.28 -16.65
C ILE B 141 -5.33 10.89 -16.71
N VAL B 142 -5.18 12.15 -16.33
CA VAL B 142 -3.83 12.73 -16.33
C VAL B 142 -3.16 12.74 -14.96
N LEU B 143 -3.94 12.52 -13.92
CA LEU B 143 -3.39 12.42 -12.58
C LEU B 143 -4.17 11.37 -11.79
N SER B 144 -3.47 10.38 -11.25
CA SER B 144 -4.07 9.40 -10.34
C SER B 144 -3.66 9.69 -8.92
N ALA B 145 -4.61 10.16 -8.13
CA ALA B 145 -4.32 10.60 -6.78
C ALA B 145 -4.71 9.53 -5.82
N GLN B 146 -4.07 9.55 -4.63
CA GLN B 146 -4.60 8.79 -3.48
C GLN B 146 -5.41 9.65 -2.54
N ASP B 147 -5.62 10.93 -2.85
CA ASP B 147 -6.43 11.80 -1.97
C ASP B 147 -6.97 13.08 -2.62
N SER B 148 -8.01 13.67 -2.04
CA SER B 148 -8.72 14.75 -2.70
C SER B 148 -7.92 16.03 -2.70
N ASP B 149 -6.96 16.14 -1.81
CA ASP B 149 -6.19 17.36 -1.68
C ASP B 149 -5.21 17.56 -2.80
N VAL B 150 -4.58 16.47 -3.23
CA VAL B 150 -3.73 16.48 -4.41
C VAL B 150 -4.57 16.87 -5.63
N ILE B 151 -5.74 16.28 -5.75
CA ILE B 151 -6.62 16.65 -6.83
C ILE B 151 -6.87 18.15 -6.87
N LYS B 152 -7.24 18.77 -5.75
CA LYS B 152 -7.53 20.21 -5.74
C LYS B 152 -6.33 21.01 -6.21
N THR B 153 -5.15 20.64 -5.76
CA THR B 153 -3.96 21.36 -6.15
C THR B 153 -3.83 21.44 -7.69
N TYR B 154 -4.12 20.36 -8.41
CA TYR B 154 -3.80 20.34 -9.86
C TYR B 154 -4.98 20.82 -10.68
N VAL B 155 -6.17 20.76 -10.09
CA VAL B 155 -7.27 21.50 -10.69
C VAL B 155 -6.97 23.01 -10.61
N ALA B 156 -6.58 23.48 -9.43
CA ALA B 156 -6.26 24.89 -9.27
C ALA B 156 -5.14 25.26 -10.21
N LEU B 157 -4.38 24.28 -10.67
CA LEU B 157 -3.14 24.63 -11.31
C LEU B 157 -3.32 24.58 -12.79
N GLY B 158 -4.50 24.19 -13.22
CA GLY B 158 -4.81 24.20 -14.62
C GLY B 158 -4.60 22.90 -15.34
N LEU B 159 -4.41 21.82 -14.61
CA LEU B 159 -3.99 20.63 -15.30
C LEU B 159 -5.14 19.80 -15.87
N GLY B 160 -6.32 19.89 -15.27
CA GLY B 160 -7.52 19.23 -15.79
C GLY B 160 -8.68 19.53 -14.84
N ILE B 161 -9.83 18.90 -15.06
CA ILE B 161 -10.95 18.98 -14.14
C ILE B 161 -10.89 17.77 -13.17
N GLY B 162 -11.48 17.89 -11.98
CA GLY B 162 -11.42 16.78 -11.01
C GLY B 162 -12.73 16.04 -10.84
N LEU B 163 -12.67 14.74 -10.53
CA LEU B 163 -13.82 14.05 -9.95
C LEU B 163 -13.49 13.71 -8.51
N VAL B 164 -14.25 14.23 -7.56
CA VAL B 164 -13.88 14.05 -6.17
C VAL B 164 -15.11 13.62 -5.38
N ALA B 165 -14.94 13.22 -4.13
CA ALA B 165 -16.10 12.89 -3.32
C ALA B 165 -16.80 14.19 -2.97
N GLU B 166 -18.13 14.19 -2.97
CA GLU B 166 -18.85 15.42 -2.78
C GLU B 166 -18.50 16.00 -1.48
N GLN B 167 -18.29 15.16 -0.49
CA GLN B 167 -17.98 15.54 0.90
C GLN B 167 -16.63 16.14 1.10
N SER B 168 -15.74 16.02 0.09
CA SER B 168 -14.39 16.53 0.21
C SER B 168 -14.61 18.00 0.08
N SER B 169 -15.84 18.34 0.43
CA SER B 169 -16.47 19.67 0.32
C SER B 169 -16.58 20.14 -1.13
N GLY B 170 -16.13 19.25 -2.04
CA GLY B 170 -15.86 19.57 -3.42
C GLY B 170 -14.62 20.41 -3.26
N GLU B 171 -14.83 21.72 -3.29
CA GLU B 171 -13.99 22.72 -2.63
C GLU B 171 -14.70 24.07 -2.57
N GLN B 172 -15.32 24.32 -1.43
CA GLN B 172 -16.11 25.55 -1.25
C GLN B 172 -15.21 26.68 -0.77
N GLU B 173 -14.41 26.41 0.25
CA GLU B 173 -13.42 27.38 0.71
C GLU B 173 -12.49 27.82 -0.43
N GLU B 174 -11.62 26.90 -0.90
CA GLU B 174 -10.61 27.25 -1.92
C GLU B 174 -11.20 27.93 -3.13
N GLU B 175 -11.10 29.25 -3.13
CA GLU B 175 -11.79 30.04 -4.12
C GLU B 175 -11.19 29.91 -5.51
N ASN B 176 -12.01 30.24 -6.50
CA ASN B 176 -11.62 30.03 -7.86
C ASN B 176 -11.82 28.59 -8.34
N LEU B 177 -12.18 27.73 -7.40
CA LEU B 177 -12.64 26.37 -7.70
C LEU B 177 -14.09 26.28 -7.30
N ILE B 178 -14.78 25.27 -7.80
CA ILE B 178 -16.21 25.16 -7.56
C ILE B 178 -16.75 23.80 -7.98
N ARG B 179 -17.61 23.25 -7.13
CA ARG B 179 -18.12 21.90 -7.22
C ARG B 179 -19.38 21.92 -8.08
N LEU B 180 -19.50 21.01 -9.05
CA LEU B 180 -20.70 20.87 -9.86
C LEU B 180 -21.30 19.53 -9.54
N ASP B 181 -22.57 19.49 -9.15
CA ASP B 181 -23.19 18.24 -8.74
C ASP B 181 -23.45 17.32 -9.96
N THR B 182 -23.06 16.06 -9.86
CA THR B 182 -23.25 15.13 -10.95
C THR B 182 -23.83 13.79 -10.46
N ARG B 183 -24.67 13.89 -9.44
CA ARG B 183 -25.46 12.81 -8.91
C ARG B 183 -26.09 11.96 -10.01
N HIS B 184 -26.70 12.60 -11.01
CA HIS B 184 -27.41 11.89 -12.12
C HIS B 184 -26.52 11.02 -13.05
N LEU B 185 -25.21 11.26 -13.02
CA LEU B 185 -24.30 10.54 -13.87
C LEU B 185 -23.59 9.36 -13.26
N PHE B 186 -23.41 9.34 -11.94
CA PHE B 186 -22.70 8.23 -11.31
C PHE B 186 -23.59 7.55 -10.27
N ASP B 187 -23.34 6.26 -10.03
CA ASP B 187 -23.98 5.49 -8.97
C ASP B 187 -23.42 5.86 -7.58
N ALA B 188 -24.20 5.53 -6.55
CA ALA B 188 -23.87 5.96 -5.20
C ALA B 188 -22.75 5.07 -4.60
N ASN B 189 -22.00 5.65 -3.65
CA ASN B 189 -21.06 4.90 -2.84
C ASN B 189 -21.53 4.69 -1.43
N THR B 190 -21.02 3.65 -0.79
CA THR B 190 -21.25 3.45 0.65
C THR B 190 -19.93 3.49 1.44
N VAL B 191 -19.90 4.23 2.55
CA VAL B 191 -18.77 4.13 3.46
C VAL B 191 -19.12 3.00 4.41
N TRP B 192 -18.20 2.06 4.61
CA TRP B 192 -18.48 0.92 5.48
C TRP B 192 -17.75 0.98 6.81
N LEU B 193 -18.43 0.44 7.82
CA LEU B 193 -17.88 0.25 9.15
C LEU B 193 -17.58 -1.22 9.26
N GLY B 194 -16.31 -1.59 9.35
CA GLY B 194 -15.96 -2.99 9.33
C GLY B 194 -15.44 -3.51 10.66
N LEU B 195 -15.88 -4.72 11.03
CA LEU B 195 -15.35 -5.41 12.21
C LEU B 195 -14.87 -6.80 11.83
N LYS B 196 -13.98 -7.34 12.65
CA LYS B 196 -13.48 -8.70 12.42
C LYS B 196 -14.57 -9.72 12.74
N ARG B 197 -14.89 -10.57 11.78
CA ARG B 197 -15.97 -11.52 12.01
C ARG B 197 -15.68 -12.43 13.20
N GLY B 198 -16.68 -12.59 14.07
CA GLY B 198 -16.61 -13.52 15.17
C GLY B 198 -15.81 -13.08 16.38
N GLN B 199 -15.63 -11.79 16.54
CA GLN B 199 -14.69 -11.28 17.51
C GLN B 199 -15.40 -10.45 18.56
N LEU B 200 -15.23 -10.78 19.83
CA LEU B 200 -15.84 -9.96 20.87
C LEU B 200 -15.16 -8.57 20.91
N GLN B 201 -15.91 -7.57 21.38
CA GLN B 201 -15.39 -6.20 21.40
C GLN B 201 -15.79 -5.53 22.71
N ARG B 202 -14.97 -4.59 23.18
CA ARG B 202 -15.36 -3.76 24.30
C ARG B 202 -16.65 -2.97 23.98
N ASN B 203 -17.32 -2.44 25.00
CA ASN B 203 -18.60 -1.74 24.77
C ASN B 203 -18.48 -0.52 23.89
N TYR B 204 -17.46 0.31 24.12
CA TYR B 204 -17.33 1.53 23.33
C TYR B 204 -17.17 1.26 21.80
N VAL B 205 -16.75 0.05 21.42
CA VAL B 205 -16.72 -0.30 20.00
C VAL B 205 -18.14 -0.39 19.43
N TRP B 206 -19.02 -1.12 20.08
CA TRP B 206 -20.34 -1.21 19.50
C TRP B 206 -20.96 0.19 19.55
N ARG B 207 -20.80 0.88 20.66
CA ARG B 207 -21.43 2.21 20.79
C ARG B 207 -20.97 3.16 19.66
N PHE B 208 -19.76 2.97 19.20
CA PHE B 208 -19.22 3.83 18.21
C PHE B 208 -19.95 3.69 16.87
N LEU B 209 -20.41 2.48 16.54
CA LEU B 209 -21.10 2.32 15.27
C LEU B 209 -22.44 3.03 15.39
N GLU B 210 -23.02 3.01 16.57
CA GLU B 210 -24.34 3.58 16.73
C GLU B 210 -24.20 5.09 16.59
N LEU B 211 -23.03 5.62 16.84
CA LEU B 211 -22.89 7.03 16.73
C LEU B 211 -22.76 7.43 15.30
N CYS B 212 -22.18 6.58 14.46
CA CYS B 212 -22.14 6.95 13.06
C CYS B 212 -23.51 6.78 12.38
N ASN B 213 -24.22 5.70 12.72
CA ASN B 213 -25.44 5.43 12.05
C ASN B 213 -26.59 5.09 13.03
N ALA B 214 -27.41 6.08 13.31
CA ALA B 214 -28.51 5.96 14.23
C ALA B 214 -29.44 4.82 13.83
N GLY B 215 -29.33 4.39 12.58
CA GLY B 215 -30.11 3.31 12.01
C GLY B 215 -29.64 1.95 12.45
N LEU B 216 -28.39 1.79 12.88
CA LEU B 216 -27.95 0.51 13.42
C LEU B 216 -28.38 0.29 14.87
N SER B 217 -28.62 -0.96 15.24
CA SER B 217 -28.80 -1.35 16.64
C SER B 217 -27.65 -2.21 17.13
N VAL B 218 -27.18 -1.96 18.36
CA VAL B 218 -26.10 -2.77 18.93
C VAL B 218 -26.41 -4.27 18.87
N GLU B 219 -27.55 -4.68 19.42
CA GLU B 219 -28.03 -6.07 19.35
C GLU B 219 -27.86 -6.73 17.97
N ASP B 220 -28.35 -6.08 16.92
CA ASP B 220 -28.29 -6.62 15.55
C ASP B 220 -26.88 -6.71 15.00
N ILE B 221 -26.08 -5.66 15.18
CA ILE B 221 -24.66 -5.71 14.84
C ILE B 221 -23.95 -6.92 15.49
N LYS B 222 -24.11 -7.08 16.80
CA LYS B 222 -23.47 -8.14 17.56
C LYS B 222 -23.93 -9.47 17.08
N ARG B 223 -25.24 -9.63 17.02
CA ARG B 223 -25.86 -10.89 16.63
C ARG B 223 -25.34 -11.31 15.29
N GLN B 224 -24.78 -10.37 14.57
CA GLN B 224 -24.45 -10.59 13.21
C GLN B 224 -22.97 -10.76 13.04
N VAL B 225 -22.20 -10.25 13.99
CA VAL B 225 -20.76 -10.50 14.02
C VAL B 225 -20.54 -11.94 14.47
N MET B 226 -21.32 -12.37 15.47
CA MET B 226 -21.29 -13.73 16.04
C MET B 226 -22.08 -14.80 15.28
N GLU B 227 -22.87 -14.43 14.28
CA GLU B 227 -23.46 -15.42 13.37
C GLU B 227 -22.54 -16.63 13.20
N SER B 228 -21.27 -16.35 12.89
CA SER B 228 -20.22 -17.37 12.84
C SER B 228 -19.26 -17.28 14.05
N LEU C 1 -14.02 -26.84 70.78
CA LEU C 1 -14.53 -28.23 70.59
C LEU C 1 -15.49 -28.26 69.41
N VAL C 2 -14.97 -28.69 68.27
CA VAL C 2 -15.75 -28.83 67.02
C VAL C 2 -16.16 -30.31 66.70
N PRO C 3 -15.29 -31.32 66.96
CA PRO C 3 -15.69 -32.68 67.36
C PRO C 3 -15.95 -32.87 68.86
N ARG C 4 -16.25 -34.10 69.24
CA ARG C 4 -16.93 -34.40 70.48
C ARG C 4 -16.25 -35.47 71.34
N GLY C 5 -17.02 -35.99 72.32
CA GLY C 5 -16.69 -37.13 73.21
C GLY C 5 -15.55 -38.11 72.92
N SER C 6 -15.86 -39.38 72.66
CA SER C 6 -14.83 -40.46 72.72
C SER C 6 -14.40 -41.21 71.44
N HIS C 7 -13.28 -40.77 70.84
CA HIS C 7 -12.84 -41.27 69.53
C HIS C 7 -11.82 -42.41 69.57
N MET C 8 -11.27 -42.73 68.39
CA MET C 8 -10.44 -43.95 68.18
C MET C 8 -9.17 -43.65 67.34
N THR C 9 -8.99 -42.38 67.03
CA THR C 9 -7.93 -41.86 66.19
C THR C 9 -6.99 -40.97 67.01
N ASN C 10 -7.08 -41.09 68.33
CA ASN C 10 -6.22 -40.36 69.25
C ASN C 10 -4.73 -40.62 69.09
N ASP C 11 -4.40 -41.84 68.66
CA ASP C 11 -3.03 -42.21 68.51
C ASP C 11 -2.57 -42.26 67.07
N THR C 12 -3.45 -41.91 66.13
CA THR C 12 -3.10 -41.80 64.72
C THR C 12 -2.00 -40.78 64.53
N SER C 13 -0.99 -41.18 63.77
CA SER C 13 0.17 -40.33 63.60
C SER C 13 0.51 -40.30 62.12
N GLY C 14 1.25 -39.29 61.69
CA GLY C 14 1.67 -39.18 60.31
C GLY C 14 1.79 -37.72 59.89
N VAL C 15 2.09 -37.49 58.61
CA VAL C 15 1.95 -36.14 58.09
C VAL C 15 1.14 -36.06 56.81
N LEU C 16 0.17 -35.15 56.84
CA LEU C 16 -0.77 -34.95 55.78
C LEU C 16 -0.45 -33.60 55.18
N THR C 17 -0.14 -33.57 53.88
CA THR C 17 0.21 -32.35 53.18
C THR C 17 -0.84 -31.93 52.16
N ILE C 18 -1.30 -30.70 52.30
CA ILE C 18 -2.31 -30.17 51.42
C ILE C 18 -1.78 -29.03 50.59
N ALA C 19 -2.06 -29.08 49.29
CA ALA C 19 -1.63 -28.02 48.40
C ALA C 19 -2.89 -27.29 47.94
N THR C 20 -2.86 -25.96 48.00
CA THR C 20 -4.09 -25.23 47.79
C THR C 20 -3.87 -23.79 47.36
N THR C 21 -4.96 -23.13 46.96
CA THR C 21 -4.90 -21.72 46.55
C THR C 21 -5.26 -20.74 47.65
N HIS C 22 -4.93 -19.48 47.44
CA HIS C 22 -5.26 -18.41 48.38
C HIS C 22 -6.72 -18.50 48.77
N THR C 23 -7.58 -18.69 47.78
CA THR C 23 -9.01 -18.69 48.02
C THR C 23 -9.40 -19.70 49.10
N GLN C 24 -9.00 -20.97 48.94
CA GLN C 24 -9.45 -21.96 49.94
C GLN C 24 -8.68 -21.76 51.22
N ALA C 25 -7.39 -21.50 51.10
CA ALA C 25 -6.56 -21.31 52.30
C ALA C 25 -7.19 -20.28 53.21
N ARG C 26 -7.75 -19.23 52.62
CA ARG C 26 -8.33 -18.22 53.50
C ARG C 26 -9.80 -18.40 53.88
N TYR C 27 -10.62 -18.91 52.97
CA TYR C 27 -12.05 -18.78 53.22
C TYR C 27 -12.81 -20.07 53.48
N SER C 28 -12.19 -21.21 53.28
CA SER C 28 -12.93 -22.48 53.42
C SER C 28 -12.21 -23.47 54.29
N LEU C 29 -10.89 -23.55 54.16
CA LEU C 29 -10.14 -24.56 54.85
C LEU C 29 -9.99 -24.35 56.34
N PRO C 30 -9.82 -23.12 56.81
CA PRO C 30 -9.60 -23.05 58.26
C PRO C 30 -10.60 -23.82 59.16
N GLU C 31 -11.90 -23.71 58.91
CA GLU C 31 -12.85 -24.49 59.70
C GLU C 31 -12.58 -26.02 59.64
N VAL C 32 -12.34 -26.53 58.45
CA VAL C 32 -12.11 -27.95 58.28
C VAL C 32 -10.82 -28.32 58.96
N ILE C 33 -9.81 -27.49 58.83
CA ILE C 33 -8.58 -27.76 59.53
C ILE C 33 -8.73 -27.83 61.06
N LYS C 34 -9.41 -26.88 61.67
CA LYS C 34 -9.67 -27.06 63.07
C LYS C 34 -10.30 -28.39 63.39
N ALA C 35 -11.37 -28.80 62.69
CA ALA C 35 -12.01 -30.07 63.02
C ALA C 35 -11.00 -31.18 62.85
N PHE C 36 -10.27 -31.16 61.75
CA PHE C 36 -9.27 -32.18 61.54
C PHE C 36 -8.21 -32.29 62.68
N ARG C 37 -7.74 -31.17 63.20
CA ARG C 37 -6.77 -31.28 64.28
C ARG C 37 -7.38 -31.78 65.59
N GLU C 38 -8.67 -31.56 65.86
CA GLU C 38 -9.26 -32.20 67.05
C GLU C 38 -9.41 -33.68 66.84
N LEU C 39 -9.84 -34.08 65.65
CA LEU C 39 -10.05 -35.47 65.38
C LEU C 39 -8.72 -36.19 65.34
N PHE C 40 -7.68 -35.57 64.81
CA PHE C 40 -6.39 -36.23 64.68
C PHE C 40 -5.27 -35.42 65.30
N PRO C 41 -5.26 -35.38 66.62
CA PRO C 41 -4.38 -34.51 67.35
C PRO C 41 -2.90 -34.83 67.12
N GLU C 42 -2.60 -36.05 66.74
CA GLU C 42 -1.22 -36.44 66.65
C GLU C 42 -0.73 -36.51 65.18
N VAL C 43 -1.53 -36.02 64.22
CA VAL C 43 -1.12 -35.95 62.81
C VAL C 43 -0.65 -34.55 62.43
N ARG C 44 0.54 -34.42 61.90
CA ARG C 44 1.09 -33.16 61.53
C ARG C 44 0.43 -32.69 60.24
N LEU C 45 -0.04 -31.45 60.22
CA LEU C 45 -0.67 -30.94 59.02
C LEU C 45 0.22 -29.89 58.39
N GLU C 46 0.55 -30.02 57.10
CA GLU C 46 1.30 -28.99 56.38
C GLU C 46 0.53 -28.45 55.17
N LEU C 47 0.60 -27.14 54.88
CA LEU C 47 0.04 -26.65 53.62
C LEU C 47 1.04 -25.92 52.79
N ILE C 48 0.91 -26.10 51.47
CA ILE C 48 1.66 -25.33 50.49
C ILE C 48 0.62 -24.57 49.69
N GLN C 49 0.86 -23.28 49.48
CA GLN C 49 -0.05 -22.49 48.68
C GLN C 49 0.55 -22.35 47.30
N GLY C 50 -0.26 -22.43 46.27
CA GLY C 50 0.28 -22.29 44.91
C GLY C 50 -0.83 -22.12 43.89
N THR C 51 -0.42 -22.01 42.63
CA THR C 51 -1.33 -21.90 41.51
C THR C 51 -1.86 -23.29 41.19
N PRO C 52 -3.02 -23.36 40.55
CA PRO C 52 -3.63 -24.63 40.19
C PRO C 52 -2.68 -25.56 39.40
N GLN C 53 -1.86 -25.01 38.50
N GLN C 53 -1.89 -24.96 38.52
CA GLN C 53 -0.90 -25.85 37.77
CA GLN C 53 -0.90 -25.70 37.75
C GLN C 53 0.19 -26.38 38.70
C GLN C 53 0.15 -26.32 38.69
N GLU C 54 0.67 -25.55 39.63
CA GLU C 54 1.64 -26.05 40.62
C GLU C 54 1.04 -27.17 41.47
N ILE C 55 -0.19 -26.97 41.92
CA ILE C 55 -0.92 -27.93 42.69
C ILE C 55 -1.07 -29.27 41.95
N ALA C 56 -1.35 -29.24 40.66
CA ALA C 56 -1.40 -30.49 39.87
C ALA C 56 -0.04 -31.17 39.82
N THR C 57 1.03 -30.37 39.62
CA THR C 57 2.39 -30.91 39.62
C THR C 57 2.70 -31.59 40.94
N LEU C 58 2.51 -30.87 42.06
CA LEU C 58 2.74 -31.43 43.40
C LEU C 58 2.03 -32.77 43.59
N LEU C 59 0.79 -32.87 43.13
CA LEU C 59 0.09 -34.14 43.25
C LEU C 59 0.73 -35.24 42.38
N GLN C 60 1.13 -34.90 41.16
CA GLN C 60 1.76 -35.88 40.29
C GLN C 60 3.03 -36.41 40.92
N ASN C 61 3.83 -35.55 41.56
CA ASN C 61 5.08 -35.96 42.19
C ASN C 61 4.93 -36.61 43.54
N GLY C 62 3.75 -36.58 44.15
CA GLY C 62 3.63 -37.05 45.53
C GLY C 62 4.13 -36.08 46.58
N GLU C 63 4.51 -34.87 46.17
CA GLU C 63 4.94 -33.82 47.09
C GLU C 63 3.81 -33.34 47.95
N ALA C 64 2.57 -33.54 47.49
CA ALA C 64 1.38 -33.25 48.28
C ALA C 64 0.41 -34.40 48.20
N ASP C 65 -0.32 -34.64 49.28
CA ASP C 65 -1.27 -35.74 49.38
C ASP C 65 -2.64 -35.39 48.77
N ILE C 66 -3.15 -34.19 49.06
CA ILE C 66 -4.42 -33.70 48.50
C ILE C 66 -4.24 -32.31 47.90
N GLY C 67 -4.86 -32.08 46.75
CA GLY C 67 -4.78 -30.78 46.08
C GLY C 67 -6.15 -30.16 46.07
N ILE C 68 -6.25 -28.88 46.36
CA ILE C 68 -7.56 -28.24 46.41
C ILE C 68 -7.57 -26.93 45.63
N ALA C 69 -8.41 -26.87 44.59
CA ALA C 69 -8.47 -25.74 43.68
C ALA C 69 -9.73 -25.80 42.85
N SER C 70 -10.01 -24.71 42.14
CA SER C 70 -11.19 -24.63 41.29
C SER C 70 -10.86 -25.01 39.86
N GLU C 71 -9.59 -24.99 39.53
CA GLU C 71 -9.19 -25.13 38.15
C GLU C 71 -8.35 -26.37 37.93
N ARG C 72 -8.48 -26.95 36.75
CA ARG C 72 -7.60 -27.99 36.24
C ARG C 72 -7.24 -29.18 37.08
N LEU C 73 -8.11 -29.68 37.94
CA LEU C 73 -7.76 -30.90 38.59
C LEU C 73 -8.67 -31.95 38.02
N SER C 74 -9.84 -31.53 37.59
CA SER C 74 -10.85 -32.48 37.19
C SER C 74 -10.57 -32.89 35.76
N ASN C 75 -9.61 -32.20 35.15
CA ASN C 75 -9.24 -32.46 33.76
C ASN C 75 -7.88 -33.05 33.53
N ASP C 76 -7.23 -33.52 34.58
CA ASP C 76 -5.91 -34.11 34.41
C ASP C 76 -6.00 -35.63 34.44
N PRO C 77 -5.51 -36.26 33.37
CA PRO C 77 -5.55 -37.71 33.23
C PRO C 77 -4.86 -38.41 34.42
N GLN C 78 -3.93 -37.72 35.04
CA GLN C 78 -3.14 -38.31 36.10
C GLN C 78 -3.75 -38.12 37.49
N LEU C 79 -4.77 -37.28 37.60
CA LEU C 79 -5.46 -37.05 38.86
C LEU C 79 -6.88 -37.60 38.86
N VAL C 80 -7.49 -37.66 40.04
CA VAL C 80 -8.90 -37.94 40.16
C VAL C 80 -9.46 -36.85 41.09
N ALA C 81 -10.55 -36.18 40.67
CA ALA C 81 -11.06 -35.06 41.46
C ALA C 81 -12.51 -35.20 41.89
N PHE C 82 -12.81 -34.72 43.10
CA PHE C 82 -14.18 -34.78 43.58
C PHE C 82 -14.60 -33.41 43.97
N PRO C 83 -15.88 -33.13 43.71
CA PRO C 83 -16.46 -31.82 44.03
C PRO C 83 -16.57 -31.60 45.54
N TRP C 84 -16.07 -30.47 46.01
CA TRP C 84 -16.23 -30.09 47.40
C TRP C 84 -17.50 -29.26 47.58
N PHE C 85 -17.54 -28.07 46.96
CA PHE C 85 -18.75 -27.27 46.93
C PHE C 85 -18.79 -26.37 45.70
N ARG C 86 -19.96 -25.79 45.42
CA ARG C 86 -20.07 -24.83 44.35
C ARG C 86 -20.15 -23.40 44.86
N TRP C 87 -19.70 -22.46 44.03
CA TRP C 87 -19.75 -21.05 44.38
C TRP C 87 -19.78 -20.14 43.17
N HIS C 88 -20.20 -18.89 43.43
CA HIS C 88 -20.39 -17.87 42.39
C HIS C 88 -19.56 -16.62 42.64
N HIS C 89 -19.29 -15.88 41.56
CA HIS C 89 -18.65 -14.59 41.74
C HIS C 89 -19.68 -13.60 42.26
N SER C 90 -19.18 -12.59 42.95
CA SER C 90 -20.03 -11.53 43.41
C SER C 90 -19.39 -10.16 43.05
N LEU C 91 -20.16 -9.10 43.05
CA LEU C 91 -19.66 -7.86 42.55
C LEU C 91 -19.26 -6.99 43.73
N LEU C 92 -18.02 -6.51 43.78
CA LEU C 92 -17.59 -5.71 44.96
C LEU C 92 -17.47 -4.25 44.58
N VAL C 93 -18.15 -3.38 45.30
CA VAL C 93 -18.31 -2.00 44.85
C VAL C 93 -18.30 -1.02 46.02
N PRO C 94 -17.81 0.21 45.82
CA PRO C 94 -17.84 1.25 46.85
C PRO C 94 -19.27 1.54 47.27
N HIS C 95 -19.49 1.67 48.58
CA HIS C 95 -20.84 1.87 49.13
C HIS C 95 -21.69 2.91 48.36
N ASP C 96 -21.10 3.81 47.59
CA ASP C 96 -21.96 4.79 46.93
C ASP C 96 -21.83 4.83 45.41
N HIS C 97 -21.52 3.67 44.86
CA HIS C 97 -21.25 3.58 43.43
C HIS C 97 -22.56 3.57 42.62
N PRO C 98 -22.52 4.16 41.42
CA PRO C 98 -23.69 4.11 40.55
C PRO C 98 -24.30 2.72 40.40
N LEU C 99 -23.50 1.66 40.44
CA LEU C 99 -24.07 0.34 40.22
C LEU C 99 -24.95 -0.14 41.39
N THR C 100 -24.89 0.56 42.52
CA THR C 100 -25.80 0.22 43.63
C THR C 100 -27.17 0.88 43.43
N GLN C 101 -27.33 1.65 42.36
CA GLN C 101 -28.59 2.32 42.05
C GLN C 101 -29.28 1.73 40.81
N ILE C 102 -28.53 0.98 40.00
CA ILE C 102 -29.04 0.28 38.83
C ILE C 102 -29.85 -0.94 39.29
N SER C 103 -31.13 -1.02 38.93
CA SER C 103 -31.93 -2.11 39.53
C SER C 103 -32.94 -2.97 38.73
N PRO C 104 -32.52 -3.58 37.63
CA PRO C 104 -32.18 -5.00 37.51
C PRO C 104 -30.67 -4.93 37.16
N LEU C 105 -29.81 -5.61 37.89
CA LEU C 105 -28.37 -5.53 37.60
C LEU C 105 -28.01 -6.38 36.37
N THR C 106 -27.40 -5.77 35.35
N THR C 106 -27.43 -5.78 35.33
CA THR C 106 -27.10 -6.46 34.08
CA THR C 106 -27.08 -6.60 34.16
C THR C 106 -25.61 -6.58 33.72
C THR C 106 -25.61 -6.61 33.76
N LEU C 107 -25.29 -7.52 32.85
CA LEU C 107 -23.93 -7.60 32.30
C LEU C 107 -23.60 -6.37 31.44
N GLU C 108 -24.53 -5.96 30.59
N GLU C 108 -24.54 -5.95 30.59
CA GLU C 108 -24.32 -4.81 29.73
CA GLU C 108 -24.32 -4.80 29.72
C GLU C 108 -23.97 -3.58 30.56
C GLU C 108 -23.96 -3.58 30.56
N SER C 109 -24.63 -3.43 31.70
CA SER C 109 -24.32 -2.31 32.57
C SER C 109 -23.00 -2.47 33.31
N ILE C 110 -22.62 -3.72 33.63
CA ILE C 110 -21.36 -3.96 34.34
C ILE C 110 -20.18 -3.75 33.41
N ALA C 111 -20.41 -4.04 32.12
CA ALA C 111 -19.29 -4.06 31.17
C ALA C 111 -18.74 -2.65 30.81
N LYS C 112 -19.39 -1.63 31.36
CA LYS C 112 -19.00 -0.25 31.11
C LYS C 112 -17.96 0.24 32.09
N TRP C 113 -17.72 -0.51 33.17
CA TRP C 113 -16.84 -0.02 34.23
C TRP C 113 -15.54 -0.78 34.18
N PRO C 114 -14.45 -0.14 34.62
CA PRO C 114 -13.15 -0.76 34.91
C PRO C 114 -13.21 -1.92 35.92
N LEU C 115 -12.88 -3.12 35.44
CA LEU C 115 -12.94 -4.36 36.20
C LEU C 115 -11.65 -4.65 36.92
N ILE C 116 -11.78 -5.17 38.14
CA ILE C 116 -10.64 -5.66 38.90
C ILE C 116 -11.01 -7.07 39.30
N THR C 117 -10.32 -8.06 38.76
CA THR C 117 -10.70 -9.45 39.02
C THR C 117 -9.53 -10.44 38.88
N TYR C 118 -9.83 -11.74 38.91
CA TYR C 118 -8.78 -12.77 38.81
C TYR C 118 -8.23 -12.90 37.41
N ARG C 119 -6.97 -13.31 37.34
CA ARG C 119 -6.31 -13.69 36.10
C ARG C 119 -6.98 -14.87 35.43
N GLN C 120 -6.73 -15.05 34.14
CA GLN C 120 -7.21 -16.24 33.43
C GLN C 120 -6.66 -17.53 34.05
N GLY C 121 -7.49 -18.55 34.18
CA GLY C 121 -7.03 -19.77 34.80
C GLY C 121 -7.16 -19.76 36.30
N ILE C 122 -7.64 -18.67 36.89
CA ILE C 122 -7.72 -18.56 38.36
C ILE C 122 -9.15 -18.35 38.83
N THR C 123 -9.58 -19.11 39.82
CA THR C 123 -10.79 -18.75 40.58
C THR C 123 -11.90 -18.32 39.66
N GLY C 124 -12.01 -19.01 38.53
CA GLY C 124 -13.24 -19.02 37.76
C GLY C 124 -13.31 -17.90 36.73
N ARG C 125 -12.20 -17.21 36.53
CA ARG C 125 -12.12 -16.20 35.51
C ARG C 125 -12.96 -16.58 34.28
N SER C 126 -12.77 -17.80 33.75
CA SER C 126 -13.47 -18.23 32.52
C SER C 126 -14.98 -18.14 32.66
N ARG C 127 -15.48 -18.28 33.87
CA ARG C 127 -16.91 -18.08 34.09
C ARG C 127 -17.27 -16.63 33.82
N ILE C 128 -16.39 -15.70 34.19
CA ILE C 128 -16.64 -14.28 33.89
C ILE C 128 -16.59 -14.00 32.39
N ASP C 129 -15.44 -14.21 31.78
CA ASP C 129 -15.31 -14.15 30.34
C ASP C 129 -16.50 -14.72 29.56
N ASP C 130 -16.94 -15.92 29.89
CA ASP C 130 -17.99 -16.58 29.11
C ASP C 130 -19.34 -15.94 29.26
N ALA C 131 -19.62 -15.43 30.45
CA ALA C 131 -20.83 -14.72 30.68
C ALA C 131 -20.88 -13.54 29.72
N PHE C 132 -19.87 -12.66 29.77
CA PHE C 132 -19.84 -11.53 28.89
C PHE C 132 -19.87 -11.93 27.43
N ALA C 133 -19.23 -13.05 27.08
CA ALA C 133 -19.13 -13.44 25.67
C ALA C 133 -20.49 -13.70 25.08
N ARG C 134 -21.41 -14.23 25.87
CA ARG C 134 -22.78 -14.49 25.44
C ARG C 134 -23.49 -13.17 25.14
N LYS C 135 -23.12 -12.07 25.79
CA LYS C 135 -23.61 -10.74 25.37
C LYS C 135 -22.76 -10.05 24.28
N GLY C 136 -21.73 -10.71 23.72
CA GLY C 136 -20.85 -10.13 22.70
C GLY C 136 -19.69 -9.26 23.19
N LEU C 137 -19.43 -9.27 24.50
CA LEU C 137 -18.55 -8.29 25.12
C LEU C 137 -17.24 -8.83 25.67
N LEU C 138 -16.25 -7.97 25.74
CA LEU C 138 -15.05 -8.21 26.52
C LEU C 138 -15.16 -7.34 27.75
N ALA C 139 -14.59 -7.78 28.87
CA ALA C 139 -14.57 -6.97 30.05
C ALA C 139 -13.36 -6.01 30.02
N ASP C 140 -13.52 -4.83 30.61
CA ASP C 140 -12.41 -3.88 30.79
C ASP C 140 -11.60 -4.29 32.00
N ILE C 141 -10.54 -5.07 31.81
CA ILE C 141 -9.73 -5.57 32.94
C ILE C 141 -8.56 -4.64 33.24
N VAL C 142 -8.62 -3.89 34.35
CA VAL C 142 -7.48 -3.02 34.67
C VAL C 142 -6.54 -3.67 35.65
N LEU C 143 -7.03 -4.66 36.38
CA LEU C 143 -6.14 -5.43 37.23
C LEU C 143 -6.51 -6.93 37.23
N SER C 144 -5.51 -7.73 36.91
CA SER C 144 -5.58 -9.16 36.92
C SER C 144 -4.94 -9.69 38.17
N ALA C 145 -5.76 -9.99 39.16
CA ALA C 145 -5.28 -10.47 40.44
C ALA C 145 -5.06 -11.99 40.51
N GLN C 146 -4.19 -12.38 41.44
CA GLN C 146 -4.09 -13.76 41.88
C GLN C 146 -4.92 -14.06 43.10
N ASP C 147 -5.51 -13.06 43.76
CA ASP C 147 -6.27 -13.28 45.01
C ASP C 147 -7.17 -12.11 45.40
N SER C 148 -8.16 -12.39 46.24
CA SER C 148 -9.19 -11.43 46.58
C SER C 148 -8.69 -10.27 47.40
N ASP C 149 -7.62 -10.45 48.15
CA ASP C 149 -7.05 -9.34 48.95
C ASP C 149 -6.52 -8.18 48.10
N VAL C 150 -5.78 -8.54 47.05
CA VAL C 150 -5.30 -7.59 46.08
C VAL C 150 -6.49 -6.87 45.46
N ILE C 151 -7.54 -7.62 45.11
CA ILE C 151 -8.75 -7.02 44.60
C ILE C 151 -9.39 -5.98 45.55
N LYS C 152 -9.63 -6.36 46.80
CA LYS C 152 -10.20 -5.40 47.76
C LYS C 152 -9.37 -4.11 47.85
N THR C 153 -8.06 -4.26 47.80
CA THR C 153 -7.24 -3.08 47.89
C THR C 153 -7.57 -2.13 46.74
N TYR C 154 -7.68 -2.63 45.51
CA TYR C 154 -7.72 -1.66 44.41
C TYR C 154 -9.11 -1.13 44.15
N VAL C 155 -10.12 -1.87 44.59
CA VAL C 155 -11.46 -1.33 44.64
C VAL C 155 -11.55 -0.22 45.66
N ALA C 156 -11.01 -0.43 46.86
CA ALA C 156 -11.00 0.66 47.84
C ALA C 156 -10.24 1.86 47.32
N LEU C 157 -9.15 1.60 46.63
CA LEU C 157 -8.32 2.68 46.14
C LEU C 157 -9.03 3.59 45.10
N GLY C 158 -9.89 3.06 44.24
CA GLY C 158 -10.64 3.90 43.32
C GLY C 158 -10.48 3.46 41.88
N LEU C 159 -9.82 2.31 41.70
CA LEU C 159 -9.37 1.92 40.40
C LEU C 159 -10.49 1.30 39.61
N GLY C 160 -11.48 0.74 40.28
CA GLY C 160 -12.58 0.16 39.55
C GLY C 160 -13.41 -0.69 40.46
N ILE C 161 -14.34 -1.43 39.89
CA ILE C 161 -15.18 -2.35 40.63
C ILE C 161 -14.55 -3.75 40.60
N GLY C 162 -14.93 -4.62 41.52
CA GLY C 162 -14.35 -5.96 41.54
C GLY C 162 -15.36 -7.09 41.38
N LEU C 163 -14.89 -8.18 40.77
CA LEU C 163 -15.59 -9.48 40.76
C LEU C 163 -14.75 -10.46 41.56
N VAL C 164 -15.15 -10.69 42.80
CA VAL C 164 -14.48 -11.63 43.71
C VAL C 164 -15.31 -12.92 43.87
N ALA C 165 -14.68 -13.95 44.43
CA ALA C 165 -15.42 -15.15 44.80
C ALA C 165 -16.25 -14.77 46.02
N GLU C 166 -17.46 -15.31 46.10
CA GLU C 166 -18.45 -14.77 47.04
C GLU C 166 -18.09 -15.07 48.50
N GLN C 167 -17.25 -16.08 48.68
CA GLN C 167 -16.86 -16.56 50.01
C GLN C 167 -15.83 -15.68 50.73
N SER C 168 -15.57 -14.48 50.22
CA SER C 168 -14.45 -13.64 50.67
C SER C 168 -14.82 -12.54 51.62
N SER C 169 -16.08 -12.42 51.99
CA SER C 169 -16.44 -11.43 53.01
C SER C 169 -16.02 -11.94 54.40
N GLY C 170 -14.80 -11.58 54.81
CA GLY C 170 -14.16 -12.16 56.00
C GLY C 170 -14.91 -11.95 57.30
N GLU C 171 -14.49 -12.69 58.34
CA GLU C 171 -14.90 -12.45 59.75
C GLU C 171 -14.97 -10.93 60.04
N GLN C 172 -13.80 -10.32 60.23
CA GLN C 172 -13.60 -8.88 60.04
C GLN C 172 -13.88 -8.58 58.57
N GLU C 173 -15.00 -7.91 58.30
CA GLU C 173 -15.36 -7.60 56.92
C GLU C 173 -14.37 -6.61 56.31
N GLU C 174 -14.03 -5.55 57.06
CA GLU C 174 -13.10 -4.50 56.60
C GLU C 174 -13.60 -3.76 55.33
N GLU C 175 -14.59 -2.90 55.46
CA GLU C 175 -15.18 -2.29 54.28
C GLU C 175 -16.35 -1.35 54.54
N ASN C 176 -16.23 -0.12 54.05
CA ASN C 176 -17.41 0.55 53.54
C ASN C 176 -17.45 0.41 51.98
N LEU C 177 -17.42 -0.86 51.60
CA LEU C 177 -17.67 -1.37 50.27
C LEU C 177 -18.82 -2.33 50.41
N ILE C 178 -19.62 -2.47 49.37
CA ILE C 178 -20.76 -3.37 49.36
C ILE C 178 -20.56 -4.52 48.38
N ARG C 179 -21.15 -5.66 48.68
CA ARG C 179 -21.28 -6.74 47.71
C ARG C 179 -22.65 -6.69 47.03
N LEU C 180 -22.70 -6.96 45.73
CA LEU C 180 -23.94 -7.01 45.01
C LEU C 180 -24.04 -8.40 44.41
N ASP C 181 -25.19 -9.01 44.60
CA ASP C 181 -25.47 -10.38 44.24
C ASP C 181 -25.53 -10.53 42.72
N THR C 182 -24.67 -11.38 42.17
CA THR C 182 -24.69 -11.60 40.73
C THR C 182 -24.81 -13.07 40.27
N ARG C 183 -25.41 -13.94 41.08
CA ARG C 183 -25.50 -15.34 40.68
C ARG C 183 -26.39 -15.53 39.45
N HIS C 184 -27.28 -14.57 39.21
CA HIS C 184 -28.10 -14.64 38.03
C HIS C 184 -27.37 -14.23 36.74
N LEU C 185 -26.11 -13.87 36.84
CA LEU C 185 -25.38 -13.38 35.68
C LEU C 185 -24.24 -14.31 35.31
N PHE C 186 -23.58 -14.89 36.31
CA PHE C 186 -22.48 -15.81 36.04
C PHE C 186 -22.83 -17.24 36.47
N ASP C 187 -22.27 -18.21 35.77
CA ASP C 187 -22.47 -19.58 36.16
C ASP C 187 -21.53 -20.01 37.27
N ALA C 188 -21.87 -21.12 37.92
CA ALA C 188 -21.19 -21.49 39.14
C ALA C 188 -19.81 -22.12 38.92
N ASN C 189 -19.05 -22.22 39.99
CA ASN C 189 -17.73 -22.84 39.98
C ASN C 189 -17.74 -24.01 40.93
N THR C 190 -16.76 -24.89 40.81
CA THR C 190 -16.69 -25.97 41.75
C THR C 190 -15.29 -26.00 42.32
N VAL C 191 -15.15 -26.00 43.64
CA VAL C 191 -13.81 -26.26 44.16
C VAL C 191 -13.59 -27.75 44.11
N TRP C 192 -12.47 -28.20 43.57
CA TRP C 192 -12.27 -29.63 43.38
C TRP C 192 -11.35 -30.18 44.45
N LEU C 193 -11.50 -31.45 44.80
CA LEU C 193 -10.52 -32.12 45.68
C LEU C 193 -9.74 -33.11 44.88
N GLY C 194 -8.44 -32.99 44.91
CA GLY C 194 -7.69 -33.77 43.97
C GLY C 194 -6.77 -34.78 44.60
N LEU C 195 -6.81 -36.00 44.05
CA LEU C 195 -5.89 -37.05 44.45
C LEU C 195 -5.17 -37.60 43.25
N LYS C 196 -3.99 -38.17 43.51
CA LYS C 196 -3.21 -38.81 42.48
C LYS C 196 -3.77 -40.17 42.15
N ARG C 197 -3.92 -40.49 40.87
CA ARG C 197 -4.62 -41.70 40.50
C ARG C 197 -3.89 -42.98 40.89
N GLY C 198 -4.63 -44.02 41.22
CA GLY C 198 -4.03 -45.32 41.50
C GLY C 198 -3.03 -45.35 42.66
N GLN C 199 -3.27 -44.58 43.69
CA GLN C 199 -2.26 -44.39 44.69
C GLN C 199 -2.87 -44.51 46.10
N LEU C 200 -2.41 -45.48 46.87
CA LEU C 200 -2.96 -45.74 48.18
C LEU C 200 -2.67 -44.59 49.14
N GLN C 201 -3.46 -44.48 50.21
CA GLN C 201 -3.30 -43.36 51.11
C GLN C 201 -3.47 -43.78 52.54
N ARG C 202 -2.85 -43.03 53.44
CA ARG C 202 -3.05 -43.23 54.88
C ARG C 202 -4.51 -42.93 55.25
N ASN C 203 -5.01 -43.52 56.33
CA ASN C 203 -6.42 -43.38 56.68
C ASN C 203 -6.79 -41.93 56.82
N TYR C 204 -5.90 -41.11 57.38
CA TYR C 204 -6.27 -39.68 57.58
C TYR C 204 -6.49 -38.87 56.27
N VAL C 205 -5.94 -39.33 55.15
CA VAL C 205 -6.20 -38.68 53.90
C VAL C 205 -7.64 -38.89 53.50
N TRP C 206 -8.05 -40.15 53.47
CA TRP C 206 -9.43 -40.46 53.16
C TRP C 206 -10.31 -39.78 54.16
N ARG C 207 -9.89 -39.71 55.42
CA ARG C 207 -10.75 -39.08 56.41
C ARG C 207 -10.93 -37.57 56.18
N PHE C 208 -9.86 -36.90 55.81
CA PHE C 208 -9.93 -35.47 55.57
C PHE C 208 -10.93 -35.16 54.48
N LEU C 209 -11.02 -36.03 53.49
CA LEU C 209 -11.94 -35.77 52.39
C LEU C 209 -13.39 -35.88 52.86
N GLU C 210 -13.61 -36.74 53.82
CA GLU C 210 -14.94 -36.99 54.29
C GLU C 210 -15.40 -35.83 55.14
N LEU C 211 -14.44 -35.15 55.75
CA LEU C 211 -14.67 -34.00 56.61
C LEU C 211 -15.02 -32.74 55.83
N CYS C 212 -14.59 -32.67 54.57
CA CYS C 212 -14.93 -31.58 53.70
C CYS C 212 -16.33 -31.72 53.15
N ASN C 213 -16.49 -32.62 52.20
CA ASN C 213 -17.78 -32.89 51.56
C ASN C 213 -18.17 -34.23 52.09
N ALA C 214 -19.18 -34.24 52.96
CA ALA C 214 -19.63 -35.51 53.51
C ALA C 214 -20.61 -36.22 52.57
N GLY C 215 -20.69 -35.75 51.32
CA GLY C 215 -21.58 -36.32 50.30
C GLY C 215 -21.00 -37.55 49.62
N LEU C 216 -19.67 -37.63 49.63
CA LEU C 216 -18.90 -38.69 49.01
C LEU C 216 -18.83 -39.93 49.87
N SER C 217 -19.06 -41.08 49.27
CA SER C 217 -18.71 -42.28 50.00
C SER C 217 -17.18 -42.47 49.92
N VAL C 218 -16.54 -42.61 51.07
CA VAL C 218 -15.10 -42.83 51.05
C VAL C 218 -14.82 -44.09 50.25
N GLU C 219 -15.64 -45.11 50.45
CA GLU C 219 -15.59 -46.29 49.60
C GLU C 219 -15.61 -45.90 48.12
N ASP C 220 -16.41 -44.90 47.78
CA ASP C 220 -16.55 -44.46 46.40
C ASP C 220 -15.31 -43.81 45.86
N ILE C 221 -14.78 -42.88 46.63
CA ILE C 221 -13.49 -42.32 46.30
C ILE C 221 -12.43 -43.42 46.11
N LYS C 222 -12.33 -44.37 47.04
CA LYS C 222 -11.30 -45.39 46.93
C LYS C 222 -11.46 -46.22 45.65
N ARG C 223 -12.68 -46.68 45.40
CA ARG C 223 -12.93 -47.50 44.23
C ARG C 223 -12.52 -46.70 43.01
N GLN C 224 -12.89 -45.44 43.01
CA GLN C 224 -12.62 -44.52 41.93
C GLN C 224 -11.13 -44.16 41.81
N VAL C 225 -10.38 -44.17 42.91
CA VAL C 225 -8.95 -43.86 42.81
C VAL C 225 -8.22 -45.06 42.20
N MET C 226 -8.67 -46.26 42.56
CA MET C 226 -8.00 -47.50 42.17
C MET C 226 -8.26 -47.95 40.74
N GLU C 227 -9.53 -47.97 40.34
CA GLU C 227 -9.90 -48.65 39.11
C GLU C 227 -9.35 -47.96 37.88
N SER C 228 -8.02 -48.04 37.74
CA SER C 228 -7.30 -47.39 36.65
C SER C 228 -6.33 -48.39 36.02
N SER D 6 26.04 -8.37 -82.69
CA SER D 6 25.83 -8.03 -81.25
C SER D 6 26.43 -9.10 -80.34
N HIS D 7 26.01 -9.09 -79.07
CA HIS D 7 26.57 -9.99 -78.05
C HIS D 7 26.15 -11.46 -78.20
N MET D 8 26.73 -12.32 -77.37
CA MET D 8 26.48 -13.74 -77.44
C MET D 8 25.32 -14.13 -76.56
N THR D 9 24.85 -13.17 -75.78
CA THR D 9 23.81 -13.42 -74.79
C THR D 9 22.40 -13.10 -75.31
N ASN D 10 22.27 -12.93 -76.62
CA ASN D 10 20.97 -12.70 -77.25
C ASN D 10 20.03 -13.90 -77.16
N ASP D 11 20.59 -15.06 -76.87
CA ASP D 11 19.79 -16.25 -76.88
C ASP D 11 19.71 -16.85 -75.51
N THR D 12 20.47 -16.30 -74.57
CA THR D 12 20.35 -16.71 -73.18
C THR D 12 18.91 -16.58 -72.74
N SER D 13 18.34 -17.64 -72.19
CA SER D 13 17.03 -17.55 -71.54
C SER D 13 16.98 -18.22 -70.17
N GLY D 14 15.81 -18.12 -69.55
CA GLY D 14 15.57 -18.56 -68.18
C GLY D 14 14.74 -17.53 -67.43
N VAL D 15 14.65 -17.70 -66.12
CA VAL D 15 13.89 -16.76 -65.31
C VAL D 15 14.79 -16.23 -64.20
N LEU D 16 15.07 -14.94 -64.17
CA LEU D 16 15.81 -14.37 -63.02
C LEU D 16 14.83 -13.81 -61.93
N THR D 17 14.91 -14.32 -60.70
CA THR D 17 13.98 -13.89 -59.65
C THR D 17 14.68 -13.09 -58.58
N ILE D 18 14.24 -11.85 -58.41
CA ILE D 18 14.90 -10.94 -57.49
C ILE D 18 13.94 -10.62 -56.36
N ALA D 19 14.42 -10.77 -55.12
CA ALA D 19 13.65 -10.37 -53.95
C ALA D 19 14.28 -9.13 -53.37
N THR D 20 13.47 -8.11 -53.17
CA THR D 20 14.01 -6.81 -52.78
C THR D 20 13.05 -6.00 -51.91
N THR D 21 13.54 -4.87 -51.43
CA THR D 21 12.71 -4.00 -50.58
C THR D 21 12.23 -2.79 -51.39
N HIS D 22 11.27 -2.06 -50.83
CA HIS D 22 10.76 -0.87 -51.50
C HIS D 22 11.88 0.09 -51.89
N THR D 23 12.82 0.32 -50.97
CA THR D 23 13.91 1.24 -51.23
C THR D 23 14.60 0.94 -52.57
N GLN D 24 15.10 -0.29 -52.76
CA GLN D 24 15.88 -0.48 -53.98
C GLN D 24 14.97 -0.64 -55.17
N ALA D 25 13.81 -1.24 -54.95
CA ALA D 25 12.90 -1.38 -56.08
C ALA D 25 12.57 -0.04 -56.68
N ARG D 26 12.36 1.00 -55.86
CA ARG D 26 12.09 2.34 -56.40
C ARG D 26 13.31 3.16 -56.79
N TYR D 27 14.41 3.11 -56.03
CA TYR D 27 15.43 4.13 -56.22
C TYR D 27 16.79 3.68 -56.80
N SER D 28 16.99 2.39 -56.98
CA SER D 28 18.31 1.95 -57.39
C SER D 28 18.21 0.90 -58.50
N LEU D 29 17.23 0.00 -58.38
CA LEU D 29 17.11 -1.10 -59.33
C LEU D 29 16.69 -0.73 -60.75
N PRO D 30 15.78 0.23 -60.91
CA PRO D 30 15.34 0.39 -62.29
C PRO D 30 16.45 0.59 -63.32
N GLU D 31 17.44 1.39 -62.99
CA GLU D 31 18.53 1.62 -63.90
C GLU D 31 19.21 0.30 -64.26
N VAL D 32 19.55 -0.48 -63.24
CA VAL D 32 20.19 -1.75 -63.46
C VAL D 32 19.28 -2.65 -64.28
N ILE D 33 18.00 -2.71 -63.92
CA ILE D 33 17.06 -3.52 -64.69
C ILE D 33 17.02 -3.14 -66.18
N LYS D 34 16.92 -1.85 -66.48
CA LYS D 34 17.06 -1.41 -67.86
C LYS D 34 18.28 -2.03 -68.53
N ALA D 35 19.44 -1.93 -67.90
CA ALA D 35 20.66 -2.42 -68.55
C ALA D 35 20.63 -3.95 -68.71
N PHE D 36 20.14 -4.64 -67.69
CA PHE D 36 19.94 -6.08 -67.78
C PHE D 36 19.04 -6.47 -68.96
N ARG D 37 17.90 -5.79 -69.15
CA ARG D 37 17.01 -6.21 -70.22
C ARG D 37 17.61 -6.02 -71.59
N GLU D 38 18.50 -5.05 -71.77
CA GLU D 38 19.12 -4.93 -73.11
C GLU D 38 20.11 -6.05 -73.27
N LEU D 39 20.90 -6.27 -72.24
CA LEU D 39 21.86 -7.35 -72.23
C LEU D 39 21.24 -8.72 -72.46
N PHE D 40 20.15 -9.01 -71.75
CA PHE D 40 19.51 -10.32 -71.81
C PHE D 40 18.07 -10.23 -72.23
N PRO D 41 17.80 -9.87 -73.48
CA PRO D 41 16.46 -9.62 -73.95
C PRO D 41 15.54 -10.83 -73.75
N GLU D 42 16.10 -12.03 -73.84
CA GLU D 42 15.30 -13.24 -73.77
C GLU D 42 15.10 -13.81 -72.35
N VAL D 43 15.62 -13.14 -71.32
CA VAL D 43 15.46 -13.63 -69.93
C VAL D 43 14.30 -12.92 -69.26
N ARG D 44 13.41 -13.71 -68.70
CA ARG D 44 12.25 -13.22 -67.98
C ARG D 44 12.69 -12.72 -66.62
N LEU D 45 12.37 -11.48 -66.31
CA LEU D 45 12.78 -10.93 -65.03
C LEU D 45 11.57 -10.82 -64.09
N GLU D 46 11.62 -11.39 -62.88
CA GLU D 46 10.51 -11.29 -61.89
C GLU D 46 10.98 -10.68 -60.60
N LEU D 47 10.20 -9.78 -60.01
CA LEU D 47 10.54 -9.29 -58.68
C LEU D 47 9.48 -9.60 -57.66
N ILE D 48 9.94 -9.83 -56.44
CA ILE D 48 9.09 -9.96 -55.26
C ILE D 48 9.55 -8.89 -54.30
N GLN D 49 8.61 -8.10 -53.77
CA GLN D 49 8.95 -7.05 -52.80
C GLN D 49 8.65 -7.61 -51.41
N GLY D 50 9.56 -7.40 -50.46
CA GLY D 50 9.27 -7.88 -49.11
C GLY D 50 10.20 -7.28 -48.09
N THR D 51 10.05 -7.76 -46.85
CA THR D 51 10.88 -7.33 -45.73
C THR D 51 12.17 -8.13 -45.79
N PRO D 52 13.25 -7.58 -45.18
CA PRO D 52 14.53 -8.28 -45.12
C PRO D 52 14.43 -9.76 -44.70
N GLN D 53 13.57 -10.06 -43.73
CA GLN D 53 13.47 -11.42 -43.21
C GLN D 53 12.82 -12.35 -44.24
N GLU D 54 11.84 -11.80 -44.96
CA GLU D 54 11.19 -12.51 -46.05
C GLU D 54 12.19 -12.80 -47.14
N ILE D 55 12.99 -11.79 -47.45
CA ILE D 55 14.00 -11.92 -48.50
C ILE D 55 14.99 -13.01 -48.14
N ALA D 56 15.43 -13.06 -46.89
CA ALA D 56 16.36 -14.12 -46.48
C ALA D 56 15.68 -15.48 -46.54
N THR D 57 14.40 -15.55 -46.21
CA THR D 57 13.70 -16.82 -46.30
C THR D 57 13.59 -17.27 -47.74
N LEU D 58 13.18 -16.36 -48.62
CA LEU D 58 13.02 -16.72 -50.03
C LEU D 58 14.32 -17.24 -50.56
N LEU D 59 15.43 -16.63 -50.15
CA LEU D 59 16.74 -17.11 -50.61
C LEU D 59 17.04 -18.52 -50.13
N GLN D 60 16.81 -18.79 -48.85
CA GLN D 60 17.12 -20.13 -48.32
C GLN D 60 16.26 -21.21 -48.97
N ASN D 61 15.05 -20.88 -49.39
CA ASN D 61 14.25 -21.90 -50.06
C ASN D 61 14.35 -21.94 -51.56
N GLY D 62 15.20 -21.13 -52.16
CA GLY D 62 15.30 -21.10 -53.60
C GLY D 62 14.16 -20.42 -54.35
N GLU D 63 13.20 -19.84 -53.62
CA GLU D 63 12.12 -19.12 -54.27
C GLU D 63 12.57 -17.80 -54.89
N ALA D 64 13.73 -17.28 -54.48
CA ALA D 64 14.35 -16.15 -55.17
C ALA D 64 15.82 -16.45 -55.48
N ASP D 65 16.34 -15.94 -56.59
CA ASP D 65 17.74 -16.19 -56.92
C ASP D 65 18.68 -15.20 -56.25
N ILE D 66 18.34 -13.93 -56.27
CA ILE D 66 19.13 -12.88 -55.63
C ILE D 66 18.26 -12.10 -54.64
N GLY D 67 18.80 -11.81 -53.47
CA GLY D 67 18.13 -11.00 -52.47
C GLY D 67 18.87 -9.68 -52.35
N ILE D 68 18.12 -8.58 -52.29
CA ILE D 68 18.71 -7.26 -52.17
C ILE D 68 18.09 -6.43 -51.06
N ALA D 69 18.88 -6.12 -50.02
CA ALA D 69 18.41 -5.33 -48.89
C ALA D 69 19.57 -4.75 -48.12
N SER D 70 19.25 -3.92 -47.14
CA SER D 70 20.29 -3.31 -46.30
C SER D 70 20.51 -4.08 -45.01
N GLU D 71 19.51 -4.87 -44.62
CA GLU D 71 19.54 -5.60 -43.36
C GLU D 71 19.58 -7.11 -43.53
N ARG D 72 20.16 -7.79 -42.55
CA ARG D 72 20.01 -9.24 -42.45
C ARG D 72 20.57 -10.10 -43.55
N LEU D 73 21.45 -9.69 -44.44
CA LEU D 73 21.81 -10.68 -45.44
C LEU D 73 23.25 -11.02 -45.14
N SER D 74 23.94 -10.08 -44.54
CA SER D 74 25.37 -10.22 -44.37
C SER D 74 25.65 -11.00 -43.10
N ASN D 75 24.58 -11.30 -42.38
CA ASN D 75 24.73 -12.01 -41.13
C ASN D 75 23.94 -13.30 -41.03
N ASP D 76 23.65 -13.91 -42.17
CA ASP D 76 22.96 -15.18 -42.16
C ASP D 76 23.94 -16.26 -42.58
N PRO D 77 24.16 -17.23 -41.69
CA PRO D 77 25.05 -18.36 -41.97
C PRO D 77 24.70 -19.09 -43.28
N GLN D 78 23.44 -19.00 -43.71
CA GLN D 78 23.02 -19.74 -44.87
C GLN D 78 23.13 -18.93 -46.18
N LEU D 79 23.40 -17.63 -46.04
CA LEU D 79 23.58 -16.72 -47.17
C LEU D 79 25.01 -16.24 -47.34
N VAL D 80 25.33 -15.65 -48.48
CA VAL D 80 26.62 -14.99 -48.67
C VAL D 80 26.30 -13.69 -49.37
N ALA D 81 26.89 -12.61 -48.91
CA ALA D 81 26.43 -11.29 -49.34
C ALA D 81 27.57 -10.42 -49.82
N PHE D 82 27.30 -9.61 -50.84
CA PHE D 82 28.32 -8.74 -51.34
C PHE D 82 27.82 -7.34 -51.38
N PRO D 83 28.72 -6.37 -51.12
CA PRO D 83 28.35 -4.96 -51.07
C PRO D 83 27.95 -4.43 -52.44
N TRP D 84 26.79 -3.78 -52.51
CA TRP D 84 26.40 -3.07 -53.71
C TRP D 84 26.88 -1.62 -53.67
N PHE D 85 26.33 -0.84 -52.75
CA PHE D 85 26.84 0.52 -52.52
C PHE D 85 26.54 0.98 -51.09
N ARG D 86 27.15 2.09 -50.68
CA ARG D 86 26.94 2.63 -49.35
C ARG D 86 26.03 3.87 -49.41
N TRP D 87 25.25 4.07 -48.35
CA TRP D 87 24.33 5.22 -48.29
C TRP D 87 24.08 5.72 -46.87
N HIS D 88 23.67 6.97 -46.77
CA HIS D 88 23.33 7.59 -45.50
C HIS D 88 21.91 8.12 -45.47
N HIS D 89 21.41 8.29 -44.26
CA HIS D 89 20.14 8.94 -44.09
C HIS D 89 20.31 10.44 -44.28
N SER D 90 19.25 11.08 -44.75
CA SER D 90 19.22 12.53 -44.75
C SER D 90 17.93 13.04 -44.08
N LEU D 91 17.91 14.33 -43.80
CA LEU D 91 16.83 14.86 -43.01
C LEU D 91 15.85 15.57 -43.94
N LEU D 92 14.58 15.19 -43.93
CA LEU D 92 13.60 15.83 -44.82
C LEU D 92 12.69 16.75 -44.04
N VAL D 93 12.62 18.01 -44.42
CA VAL D 93 11.84 18.97 -43.64
C VAL D 93 11.13 19.96 -44.53
N PRO D 94 10.07 20.59 -44.02
CA PRO D 94 9.35 21.62 -44.76
C PRO D 94 10.27 22.79 -45.09
N HIS D 95 10.16 23.37 -46.28
CA HIS D 95 10.84 24.64 -46.66
C HIS D 95 11.35 25.52 -45.54
N ASP D 96 10.47 26.02 -44.69
N ASP D 96 10.41 25.92 -44.68
CA ASP D 96 10.93 27.01 -43.75
CA ASP D 96 10.63 26.99 -43.70
C ASP D 96 10.96 26.48 -42.31
C ASP D 96 10.96 26.49 -42.30
N HIS D 97 11.16 25.18 -42.17
CA HIS D 97 11.28 24.59 -40.84
C HIS D 97 12.40 25.24 -40.06
N PRO D 98 12.21 25.47 -38.75
CA PRO D 98 13.30 25.96 -37.91
C PRO D 98 14.62 25.23 -38.09
N LEU D 99 14.61 23.95 -38.43
CA LEU D 99 15.90 23.26 -38.60
C LEU D 99 16.69 23.72 -39.83
N THR D 100 16.02 24.38 -40.76
CA THR D 100 16.71 24.89 -41.92
C THR D 100 17.55 26.07 -41.49
N GLN D 101 17.57 26.38 -40.19
CA GLN D 101 18.26 27.55 -39.63
C GLN D 101 19.33 27.29 -38.54
N ILE D 102 19.93 26.11 -38.45
CA ILE D 102 20.81 25.75 -37.32
C ILE D 102 22.10 25.20 -37.91
N SER D 103 23.24 25.85 -37.68
CA SER D 103 24.39 25.53 -38.54
C SER D 103 25.22 24.28 -38.25
N PRO D 104 25.70 24.07 -37.00
CA PRO D 104 26.13 22.67 -36.93
C PRO D 104 24.87 21.90 -36.56
N LEU D 105 24.32 21.14 -37.49
CA LEU D 105 23.12 20.38 -37.25
C LEU D 105 23.54 19.23 -36.33
N THR D 106 22.79 19.02 -35.24
CA THR D 106 23.15 17.98 -34.24
C THR D 106 22.02 17.01 -33.90
N LEU D 107 22.38 15.90 -33.25
CA LEU D 107 21.39 14.92 -32.85
C LEU D 107 20.55 15.52 -31.72
N GLU D 108 21.22 16.11 -30.72
CA GLU D 108 20.49 16.66 -29.58
C GLU D 108 19.42 17.56 -30.13
N SER D 109 19.72 18.25 -31.22
CA SER D 109 18.77 19.21 -31.73
C SER D 109 17.62 18.58 -32.54
N ILE D 110 17.96 17.62 -33.40
CA ILE D 110 16.95 16.80 -34.07
C ILE D 110 16.02 16.09 -33.08
N ALA D 111 16.60 15.56 -32.02
CA ALA D 111 15.86 14.78 -31.06
C ALA D 111 14.67 15.54 -30.51
N LYS D 112 14.68 16.86 -30.67
CA LYS D 112 13.63 17.67 -30.05
C LYS D 112 12.34 17.64 -30.82
N TRP D 113 12.31 16.99 -31.97
CA TRP D 113 11.15 17.08 -32.85
C TRP D 113 10.50 15.73 -33.09
N PRO D 114 9.23 15.72 -33.50
CA PRO D 114 8.62 14.41 -33.78
C PRO D 114 9.23 13.78 -35.03
N LEU D 115 9.66 12.53 -34.95
CA LEU D 115 10.32 11.90 -36.08
C LEU D 115 9.35 11.12 -36.89
N ILE D 116 9.57 11.09 -38.19
CA ILE D 116 8.83 10.22 -39.09
C ILE D 116 9.87 9.42 -39.86
N THR D 117 9.92 8.12 -39.58
CA THR D 117 10.99 7.32 -40.15
C THR D 117 10.64 5.83 -40.25
N TYR D 118 11.65 5.01 -40.55
CA TYR D 118 11.39 3.59 -40.77
C TYR D 118 11.17 2.82 -39.49
N ARG D 119 10.33 1.79 -39.61
CA ARG D 119 10.11 0.80 -38.57
C ARG D 119 11.41 0.13 -38.25
N GLN D 120 11.43 -0.55 -37.11
CA GLN D 120 12.60 -1.23 -36.65
C GLN D 120 13.01 -2.36 -37.59
N GLY D 121 14.31 -2.46 -37.84
CA GLY D 121 14.83 -3.55 -38.65
C GLY D 121 14.73 -3.29 -40.14
N ILE D 122 14.41 -2.05 -40.52
CA ILE D 122 14.34 -1.73 -41.92
C ILE D 122 14.97 -0.39 -42.29
N THR D 123 15.66 -0.39 -43.44
CA THR D 123 16.31 0.78 -44.04
C THR D 123 17.12 1.54 -43.01
N GLY D 124 17.97 0.82 -42.30
CA GLY D 124 18.95 1.43 -41.41
C GLY D 124 18.36 2.02 -40.15
N ARG D 125 17.17 1.58 -39.76
CA ARG D 125 16.57 2.16 -38.58
C ARG D 125 17.53 2.04 -37.40
N SER D 126 18.23 0.91 -37.35
CA SER D 126 19.09 0.65 -36.22
C SER D 126 20.20 1.68 -36.19
N ARG D 127 20.63 2.18 -37.35
CA ARG D 127 21.61 3.26 -37.36
C ARG D 127 21.10 4.50 -36.65
N ILE D 128 19.84 4.87 -36.93
CA ILE D 128 19.22 5.99 -36.30
C ILE D 128 19.20 5.76 -34.78
N ASP D 129 18.69 4.61 -34.36
CA ASP D 129 18.55 4.37 -32.93
C ASP D 129 19.92 4.46 -32.26
N ASP D 130 20.94 3.84 -32.86
CA ASP D 130 22.26 3.80 -32.23
C ASP D 130 22.86 5.19 -32.06
N ALA D 131 22.69 6.02 -33.07
CA ALA D 131 23.19 7.39 -33.03
C ALA D 131 22.65 8.07 -31.81
N PHE D 132 21.33 8.10 -31.69
CA PHE D 132 20.69 8.75 -30.58
C PHE D 132 21.12 8.14 -29.23
N ALA D 133 21.26 6.81 -29.20
CA ALA D 133 21.63 6.12 -27.95
C ALA D 133 22.98 6.56 -27.42
N ARG D 134 23.95 6.78 -28.32
CA ARG D 134 25.24 7.32 -27.90
C ARG D 134 25.06 8.61 -27.10
N LYS D 135 24.00 9.35 -27.41
CA LYS D 135 23.74 10.60 -26.73
C LYS D 135 22.75 10.43 -25.58
N GLY D 136 22.26 9.22 -25.36
CA GLY D 136 21.45 8.94 -24.17
C GLY D 136 19.97 9.20 -24.42
N LEU D 137 19.62 9.41 -25.68
CA LEU D 137 18.28 9.81 -26.05
C LEU D 137 17.52 8.71 -26.73
N LEU D 138 16.22 8.69 -26.50
CA LEU D 138 15.30 8.04 -27.42
C LEU D 138 14.75 9.12 -28.37
N ALA D 139 14.47 8.70 -29.60
CA ALA D 139 13.82 9.54 -30.61
C ALA D 139 12.28 9.48 -30.50
N ASP D 140 11.63 10.64 -30.61
CA ASP D 140 10.17 10.73 -30.56
C ASP D 140 9.62 10.34 -31.89
N ILE D 141 9.27 9.07 -32.08
CA ILE D 141 8.77 8.61 -33.37
C ILE D 141 7.26 8.79 -33.45
N VAL D 142 6.75 9.54 -34.39
CA VAL D 142 5.30 9.59 -34.51
C VAL D 142 4.76 8.79 -35.69
N LEU D 143 5.64 8.37 -36.59
CA LEU D 143 5.21 7.54 -37.68
C LEU D 143 6.23 6.45 -37.95
N SER D 144 5.81 5.20 -37.79
CA SER D 144 6.65 4.08 -38.11
C SER D 144 6.32 3.63 -39.48
N ALA D 145 7.27 3.83 -40.39
CA ALA D 145 7.00 3.59 -41.82
C ALA D 145 7.68 2.35 -42.40
N GLN D 146 7.10 1.81 -43.48
CA GLN D 146 7.67 0.70 -44.22
C GLN D 146 8.35 1.15 -45.51
N ASP D 147 8.24 2.43 -45.82
CA ASP D 147 8.79 2.98 -47.06
C ASP D 147 8.82 4.52 -47.07
N SER D 148 9.65 5.09 -47.93
CA SER D 148 9.87 6.52 -48.00
C SER D 148 8.71 7.34 -48.54
N ASP D 149 7.86 6.76 -49.38
CA ASP D 149 6.73 7.51 -49.91
C ASP D 149 5.76 7.95 -48.84
N VAL D 150 5.50 7.05 -47.89
CA VAL D 150 4.65 7.34 -46.76
C VAL D 150 5.33 8.42 -45.93
N ILE D 151 6.62 8.23 -45.68
CA ILE D 151 7.38 9.28 -44.99
C ILE D 151 7.21 10.66 -45.61
N LYS D 152 7.39 10.76 -46.92
CA LYS D 152 7.29 12.05 -47.58
C LYS D 152 5.89 12.64 -47.42
N THR D 153 4.87 11.79 -47.55
CA THR D 153 3.50 12.29 -47.50
C THR D 153 3.24 13.08 -46.22
N TYR D 154 3.77 12.56 -45.11
CA TYR D 154 3.39 13.03 -43.79
C TYR D 154 4.28 14.17 -43.33
N VAL D 155 5.47 14.27 -43.93
CA VAL D 155 6.32 15.43 -43.68
C VAL D 155 5.65 16.63 -44.35
N ALA D 156 5.24 16.42 -45.59
CA ALA D 156 4.54 17.45 -46.36
C ALA D 156 3.28 17.83 -45.60
N LEU D 157 2.73 16.86 -44.90
CA LEU D 157 1.43 17.06 -44.28
C LEU D 157 1.51 17.88 -43.01
N GLY D 158 2.67 17.96 -42.39
CA GLY D 158 2.81 18.73 -41.15
C GLY D 158 3.16 17.89 -39.95
N LEU D 159 3.17 16.59 -40.16
CA LEU D 159 3.22 15.70 -39.03
C LEU D 159 4.54 15.72 -38.25
N GLY D 160 5.64 16.05 -38.90
CA GLY D 160 6.94 15.94 -38.25
C GLY D 160 8.03 16.06 -39.29
N ILE D 161 9.24 15.72 -38.90
CA ILE D 161 10.36 15.75 -39.84
C ILE D 161 10.80 14.32 -40.12
N GLY D 162 11.31 14.05 -41.32
CA GLY D 162 11.65 12.69 -41.72
C GLY D 162 13.13 12.40 -41.77
N LEU D 163 13.50 11.18 -41.40
CA LEU D 163 14.80 10.66 -41.74
C LEU D 163 14.54 9.64 -42.83
N VAL D 164 15.01 9.94 -44.04
CA VAL D 164 14.83 9.04 -45.16
C VAL D 164 16.17 8.78 -45.81
N ALA D 165 16.23 7.70 -46.61
CA ALA D 165 17.44 7.31 -47.32
C ALA D 165 17.68 8.36 -48.36
N GLU D 166 18.94 8.73 -48.57
CA GLU D 166 19.24 9.83 -49.48
C GLU D 166 18.84 9.50 -50.92
N GLN D 167 18.98 8.23 -51.30
CA GLN D 167 18.64 7.81 -52.66
C GLN D 167 17.16 8.03 -52.98
N SER D 168 16.34 8.10 -51.94
CA SER D 168 14.91 8.29 -52.10
C SER D 168 14.48 9.61 -52.73
N SER D 169 15.41 10.55 -52.92
CA SER D 169 15.03 11.85 -53.48
C SER D 169 14.71 11.80 -54.99
N GLY D 170 13.44 11.56 -55.32
CA GLY D 170 13.00 11.24 -56.68
C GLY D 170 13.17 12.25 -57.80
N GLU D 171 13.40 11.72 -59.00
CA GLU D 171 13.30 12.49 -60.26
C GLU D 171 11.79 12.77 -60.51
N GLN D 172 10.97 11.76 -60.23
CA GLN D 172 9.53 11.91 -60.00
C GLN D 172 9.41 12.08 -58.49
N GLU D 173 9.28 13.30 -58.01
CA GLU D 173 9.10 13.43 -56.57
C GLU D 173 8.21 14.61 -56.19
N GLU D 174 7.66 14.53 -54.99
CA GLU D 174 6.81 15.56 -54.43
C GLU D 174 7.63 16.25 -53.32
N GLU D 175 8.07 17.49 -53.58
CA GLU D 175 8.88 18.21 -52.59
C GLU D 175 8.74 19.74 -52.60
N ASN D 176 8.33 20.23 -51.43
CA ASN D 176 8.29 21.63 -51.05
C ASN D 176 9.00 21.71 -49.69
N LEU D 177 10.18 21.10 -49.70
CA LEU D 177 10.83 20.53 -48.55
C LEU D 177 12.28 20.45 -48.93
N ILE D 178 13.18 20.78 -48.01
CA ILE D 178 14.62 20.64 -48.24
C ILE D 178 15.09 19.32 -47.66
N ARG D 179 16.21 18.81 -48.12
CA ARG D 179 16.89 17.75 -47.40
C ARG D 179 18.15 18.33 -46.80
N LEU D 180 18.42 18.03 -45.54
CA LEU D 180 19.68 18.44 -44.96
C LEU D 180 20.60 17.24 -44.79
N ASP D 181 21.89 17.45 -44.98
CA ASP D 181 22.88 16.40 -44.89
C ASP D 181 23.17 15.99 -43.44
N THR D 182 23.16 14.70 -43.19
CA THR D 182 23.42 14.20 -41.84
C THR D 182 24.42 13.06 -41.81
N ARG D 183 25.34 13.03 -42.78
CA ARG D 183 26.34 11.97 -42.84
C ARG D 183 27.27 12.03 -41.66
N HIS D 184 27.44 13.24 -41.14
CA HIS D 184 28.22 13.44 -39.93
C HIS D 184 27.49 12.93 -38.67
N LEU D 185 26.23 12.56 -38.77
CA LEU D 185 25.49 12.18 -37.58
C LEU D 185 25.29 10.68 -37.42
N PHE D 186 24.92 10.00 -38.52
CA PHE D 186 24.67 8.57 -38.50
C PHE D 186 25.69 7.84 -39.32
N ASP D 187 25.88 6.57 -38.98
CA ASP D 187 26.83 5.75 -39.71
C ASP D 187 26.27 5.37 -41.05
N ALA D 188 27.12 4.79 -41.88
CA ALA D 188 26.69 4.42 -43.22
C ALA D 188 25.88 3.11 -43.21
N ASN D 189 25.03 2.96 -44.21
CA ASN D 189 24.45 1.66 -44.48
C ASN D 189 25.03 1.08 -45.76
N THR D 190 24.72 -0.18 -46.03
CA THR D 190 25.21 -0.84 -47.20
C THR D 190 24.08 -1.59 -47.81
N VAL D 191 23.83 -1.38 -49.09
CA VAL D 191 22.88 -2.26 -49.73
C VAL D 191 23.59 -3.54 -50.12
N TRP D 192 23.01 -4.68 -49.79
CA TRP D 192 23.67 -5.99 -49.96
C TRP D 192 23.04 -6.83 -51.05
N LEU D 193 23.87 -7.35 -51.95
CA LEU D 193 23.45 -8.40 -52.89
C LEU D 193 23.59 -9.78 -52.22
N GLY D 194 22.46 -10.47 -52.02
CA GLY D 194 22.52 -11.75 -51.32
C GLY D 194 22.27 -12.95 -52.20
N LEU D 195 22.99 -14.03 -51.92
CA LEU D 195 22.80 -15.29 -52.62
C LEU D 195 22.92 -16.44 -51.63
N LYS D 196 22.12 -17.48 -51.83
CA LYS D 196 22.25 -18.64 -50.97
C LYS D 196 23.62 -19.31 -51.06
N ARG D 197 24.19 -19.64 -49.91
CA ARG D 197 25.51 -20.20 -49.82
C ARG D 197 25.55 -21.57 -50.49
N GLY D 198 26.71 -21.90 -51.04
CA GLY D 198 26.92 -23.22 -51.58
C GLY D 198 25.92 -23.60 -52.64
N GLN D 199 25.55 -22.65 -53.49
CA GLN D 199 24.52 -22.87 -54.48
C GLN D 199 24.95 -22.42 -55.90
N LEU D 200 24.92 -23.33 -56.87
CA LEU D 200 25.25 -23.00 -58.25
C LEU D 200 24.24 -22.01 -58.82
N GLN D 201 24.60 -21.26 -59.86
CA GLN D 201 23.64 -20.33 -60.51
C GLN D 201 23.69 -20.32 -62.03
N ARG D 202 22.60 -19.90 -62.68
CA ARG D 202 22.61 -19.59 -64.12
C ARG D 202 23.52 -18.38 -64.37
N ASN D 203 24.20 -18.37 -65.52
CA ASN D 203 25.11 -17.29 -65.89
C ASN D 203 24.52 -15.90 -65.67
N TYR D 204 23.27 -15.71 -66.08
CA TYR D 204 22.72 -14.35 -65.98
C TYR D 204 22.69 -13.86 -64.54
N VAL D 205 22.61 -14.77 -63.58
CA VAL D 205 22.64 -14.35 -62.19
C VAL D 205 23.98 -13.76 -61.84
N TRP D 206 25.05 -14.47 -62.17
CA TRP D 206 26.38 -13.98 -61.85
C TRP D 206 26.55 -12.62 -62.53
N ARG D 207 26.05 -12.52 -63.76
CA ARG D 207 26.18 -11.30 -64.54
C ARG D 207 25.49 -10.07 -63.94
N PHE D 208 24.29 -10.27 -63.43
CA PHE D 208 23.52 -9.21 -62.84
C PHE D 208 24.25 -8.59 -61.66
N LEU D 209 25.04 -9.40 -60.98
CA LEU D 209 25.75 -8.89 -59.85
C LEU D 209 26.77 -7.90 -60.34
N GLU D 210 27.43 -8.21 -61.45
CA GLU D 210 28.48 -7.31 -61.91
C GLU D 210 27.92 -6.05 -62.59
N LEU D 211 26.70 -6.15 -63.15
CA LEU D 211 25.95 -4.94 -63.54
C LEU D 211 25.70 -3.98 -62.39
N CYS D 212 25.44 -4.49 -61.19
CA CYS D 212 25.20 -3.60 -60.07
C CYS D 212 26.47 -2.95 -59.56
N ASN D 213 27.59 -3.66 -59.62
CA ASN D 213 28.76 -3.17 -58.96
C ASN D 213 29.95 -3.67 -59.72
N ALA D 214 30.52 -2.79 -60.53
CA ALA D 214 31.63 -3.15 -61.42
C ALA D 214 32.90 -3.52 -60.62
N GLY D 215 32.92 -3.11 -59.35
CA GLY D 215 34.02 -3.39 -58.43
C GLY D 215 34.14 -4.83 -58.00
N LEU D 216 33.01 -5.53 -57.83
CA LEU D 216 33.04 -6.96 -57.51
C LEU D 216 33.68 -7.71 -58.64
N SER D 217 34.46 -8.72 -58.28
CA SER D 217 35.02 -9.69 -59.21
C SER D 217 34.15 -11.00 -59.31
N VAL D 218 33.55 -11.23 -60.48
CA VAL D 218 32.68 -12.42 -60.69
C VAL D 218 33.32 -13.72 -60.17
N GLU D 219 34.61 -13.88 -60.44
N GLU D 219 34.63 -13.85 -60.41
CA GLU D 219 35.34 -15.06 -59.98
CA GLU D 219 35.38 -15.02 -60.01
C GLU D 219 35.43 -15.12 -58.46
C GLU D 219 35.50 -15.12 -58.50
N ASP D 220 35.65 -13.98 -57.83
CA ASP D 220 35.72 -13.94 -56.38
C ASP D 220 34.40 -14.17 -55.68
N ILE D 221 33.31 -13.67 -56.26
CA ILE D 221 32.00 -13.94 -55.66
C ILE D 221 31.72 -15.45 -55.77
N LYS D 222 32.04 -16.02 -56.92
CA LYS D 222 31.93 -17.45 -57.08
C LYS D 222 32.76 -18.22 -56.05
N ARG D 223 34.02 -17.85 -55.87
CA ARG D 223 34.84 -18.49 -54.84
C ARG D 223 34.13 -18.61 -53.50
N GLN D 224 33.49 -17.52 -53.08
CA GLN D 224 32.94 -17.40 -51.73
C GLN D 224 31.66 -18.17 -51.56
N VAL D 225 30.77 -18.06 -52.54
CA VAL D 225 29.54 -18.78 -52.44
C VAL D 225 29.82 -20.26 -52.26
N MET D 226 30.86 -20.75 -52.95
CA MET D 226 31.17 -22.18 -52.95
C MET D 226 32.21 -22.54 -51.91
N GLU D 227 32.63 -21.55 -51.12
CA GLU D 227 33.74 -21.72 -50.17
C GLU D 227 33.57 -22.89 -49.19
N SER D 228 34.02 -24.08 -49.66
CA SER D 228 33.81 -25.41 -49.00
C SER D 228 32.45 -25.55 -48.22
#